data_1FG9
#
_entry.id   1FG9
#
_cell.length_a   199.300
_cell.length_b   114.650
_cell.length_c   74.340
_cell.angle_alpha   90.00
_cell.angle_beta   116.27
_cell.angle_gamma   90.00
#
_symmetry.space_group_name_H-M   'C 1 2 1'
#
loop_
_entity.id
_entity.type
_entity.pdbx_description
1 polymer 'INTERFERON GAMMA'
2 polymer 'INTERFERON-GAMMA RECEPTOR ALPHA CHAIN'
#
loop_
_entity_poly.entity_id
_entity_poly.type
_entity_poly.pdbx_seq_one_letter_code
_entity_poly.pdbx_strand_id
1 'polypeptide(L)'
;MQDPYVKEAENLKKYFNAGHSDVADNGTLFLGILKNWKEESDRKIMQSQIVSFYFKLFKNFKDDQSIQKSVETIKEDMNV
KFFNSNKKKRDDFEKLTNYSVTDLNVQRKAIHELIQVMAELSPAAKTGKRKRSQ
;
A,B
2 'polypeptide(L)'
;EMGTADLGPSSVPTPTNVTIESYNMNPIVYWEYQIMPQVPVFTVEVKNYGVKNSEWIDACINISHHYCNISDHVGDPSNS
LWVRVKARVGQKESAYAKSEEFAVCRDGKIGPPKLDIRKEEKQIMIDIFHPSVFVNGDEQEVDYDPETTCYIRVYNVYVR
MNGSEIQYKILTQKEDDCDEIQCQLAIPVSSLNSQYCVSAEGVLHVWGVTTEKSKEVCITIFNSSIKGSLWIPVVAALLL
FLVLS
;
C,D,E
#
# COMPACT_ATOMS: atom_id res chain seq x y z
N MET A 1 -4.22 1.99 -17.74
CA MET A 1 -3.91 0.56 -18.05
C MET A 1 -4.57 -0.13 -16.88
N GLN A 2 -5.31 -1.20 -17.16
CA GLN A 2 -5.99 -1.92 -16.08
C GLN A 2 -4.96 -2.42 -15.03
N ASP A 3 -5.24 -2.25 -13.73
CA ASP A 3 -4.28 -2.73 -12.73
C ASP A 3 -4.51 -4.23 -12.58
N PRO A 4 -3.45 -5.03 -12.65
CA PRO A 4 -3.56 -6.49 -12.53
C PRO A 4 -4.57 -7.06 -11.53
N TYR A 5 -4.66 -6.45 -10.34
CA TYR A 5 -5.54 -6.93 -9.27
C TYR A 5 -7.05 -6.77 -9.42
N VAL A 6 -7.53 -5.71 -10.10
CA VAL A 6 -8.99 -5.51 -10.26
C VAL A 6 -9.64 -6.75 -10.84
N LYS A 7 -8.98 -7.35 -11.84
CA LYS A 7 -9.46 -8.56 -12.48
C LYS A 7 -9.77 -9.60 -11.43
N GLU A 8 -8.72 -9.91 -10.65
CA GLU A 8 -8.75 -10.89 -9.58
C GLU A 8 -9.67 -10.49 -8.43
N ALA A 9 -9.87 -9.18 -8.24
CA ALA A 9 -10.73 -8.70 -7.18
C ALA A 9 -12.17 -8.96 -7.56
N GLU A 10 -12.48 -8.71 -8.82
CA GLU A 10 -13.82 -8.91 -9.34
C GLU A 10 -14.11 -10.39 -9.42
N ASN A 11 -13.08 -11.15 -9.75
CA ASN A 11 -13.16 -12.61 -9.83
C ASN A 11 -13.64 -13.09 -8.46
N LEU A 12 -12.90 -12.72 -7.41
CA LEU A 12 -13.26 -13.10 -6.06
C LEU A 12 -14.67 -12.68 -5.76
N LYS A 13 -14.97 -11.46 -6.20
CA LYS A 13 -16.26 -10.83 -6.01
C LYS A 13 -17.39 -11.73 -6.47
N LYS A 14 -17.19 -12.42 -7.59
CA LYS A 14 -18.20 -13.35 -8.10
C LYS A 14 -18.30 -14.51 -7.14
N TYR A 15 -17.15 -15.15 -6.90
CA TYR A 15 -17.05 -16.29 -6.00
C TYR A 15 -17.87 -16.03 -4.72
N PHE A 16 -17.68 -14.90 -4.06
CA PHE A 16 -18.42 -14.63 -2.82
C PHE A 16 -19.87 -14.17 -3.02
N ASN A 17 -20.25 -13.94 -4.25
CA ASN A 17 -21.50 -13.38 -4.75
C ASN A 17 -21.87 -12.16 -3.98
N ALA A 18 -20.93 -11.21 -3.99
CA ALA A 18 -20.99 -9.94 -3.27
C ALA A 18 -21.66 -8.90 -4.18
N GLY A 19 -21.72 -9.25 -5.45
CA GLY A 19 -22.25 -8.49 -6.58
C GLY A 19 -23.64 -9.07 -6.65
N HIS A 20 -24.46 -8.35 -5.92
CA HIS A 20 -25.84 -8.72 -5.76
C HIS A 20 -26.42 -7.79 -4.60
N SER A 21 -27.54 -7.16 -4.87
CA SER A 21 -28.38 -6.20 -4.19
C SER A 21 -28.12 -5.95 -2.78
N ASP A 22 -28.50 -6.96 -2.06
CA ASP A 22 -28.35 -7.05 -0.59
C ASP A 22 -27.08 -6.46 -0.03
N VAL A 23 -25.96 -6.73 -0.70
CA VAL A 23 -24.66 -6.27 -0.24
C VAL A 23 -24.69 -4.78 0.04
N ALA A 24 -25.54 -4.07 -0.70
CA ALA A 24 -25.68 -2.63 -0.54
C ALA A 24 -26.30 -2.23 0.81
N ASP A 25 -26.99 -3.17 1.45
CA ASP A 25 -27.65 -2.91 2.73
C ASP A 25 -26.65 -2.70 3.87
N ASN A 26 -27.03 -1.83 4.82
CA ASN A 26 -26.25 -1.54 6.02
C ASN A 26 -24.90 -0.82 5.85
N GLY A 27 -24.95 0.49 5.68
CA GLY A 27 -23.76 1.30 5.54
C GLY A 27 -22.62 0.64 4.81
N THR A 28 -21.38 0.97 5.19
CA THR A 28 -20.17 0.43 4.56
C THR A 28 -19.14 0.19 5.61
N LEU A 29 -18.43 -0.94 5.51
CA LEU A 29 -17.38 -1.31 6.48
C LEU A 29 -16.19 -0.31 6.48
N PHE A 30 -15.45 -0.31 5.38
CA PHE A 30 -14.30 0.51 5.21
C PHE A 30 -14.57 1.85 4.56
N LEU A 31 -14.72 1.81 3.23
CA LEU A 31 -14.95 2.98 2.35
C LEU A 31 -15.27 4.34 2.94
N GLY A 32 -16.25 4.37 3.83
CA GLY A 32 -16.61 5.65 4.40
C GLY A 32 -15.69 6.14 5.47
N ILE A 33 -15.32 5.23 6.39
CA ILE A 33 -14.42 5.54 7.52
C ILE A 33 -13.10 6.01 6.98
N LEU A 34 -12.63 5.29 5.97
CA LEU A 34 -11.38 5.61 5.33
C LEU A 34 -11.54 6.99 4.62
N LYS A 35 -12.78 7.44 4.46
CA LYS A 35 -13.02 8.72 3.81
C LYS A 35 -12.96 9.91 4.78
N ASN A 36 -13.11 9.64 6.07
CA ASN A 36 -13.03 10.69 7.07
C ASN A 36 -11.60 11.07 7.34
N TRP A 37 -10.63 10.33 6.81
CA TRP A 37 -9.23 10.61 7.12
C TRP A 37 -8.34 10.76 5.89
N LYS A 38 -7.72 11.93 5.78
CA LYS A 38 -6.84 12.24 4.66
C LYS A 38 -5.40 12.42 5.06
N GLU A 39 -5.16 12.67 6.35
CA GLU A 39 -3.78 12.82 6.83
C GLU A 39 -3.19 11.43 6.79
N GLU A 40 -2.14 11.22 6.00
CA GLU A 40 -1.55 9.90 5.84
C GLU A 40 -1.35 9.03 7.09
N SER A 41 -0.84 9.62 8.15
CA SER A 41 -0.63 8.88 9.38
C SER A 41 -1.95 8.22 9.75
N ASP A 42 -3.00 9.01 9.90
CA ASP A 42 -4.31 8.45 10.26
C ASP A 42 -4.79 7.44 9.25
N ARG A 43 -4.72 7.77 7.97
CA ARG A 43 -5.14 6.81 6.98
C ARG A 43 -4.48 5.48 7.29
N LYS A 44 -3.25 5.54 7.80
CA LYS A 44 -2.53 4.32 8.14
C LYS A 44 -3.01 3.71 9.46
N ILE A 45 -3.46 4.50 10.42
CA ILE A 45 -3.87 3.80 11.64
C ILE A 45 -5.14 2.96 11.41
N MET A 46 -5.82 3.21 10.29
CA MET A 46 -7.04 2.47 9.90
C MET A 46 -6.72 1.43 8.80
N GLN A 47 -6.01 1.83 7.76
CA GLN A 47 -5.69 0.87 6.72
C GLN A 47 -5.03 -0.36 7.34
N SER A 48 -4.33 -0.17 8.45
CA SER A 48 -3.66 -1.29 9.08
C SER A 48 -4.67 -2.35 9.48
N GLN A 49 -5.72 -1.94 10.21
CA GLN A 49 -6.76 -2.87 10.66
C GLN A 49 -7.50 -3.44 9.42
N ILE A 50 -7.63 -2.64 8.37
CA ILE A 50 -8.27 -3.13 7.15
C ILE A 50 -7.39 -4.17 6.45
N VAL A 51 -6.07 -4.02 6.46
CA VAL A 51 -5.28 -5.04 5.80
C VAL A 51 -5.19 -6.31 6.64
N SER A 52 -5.11 -6.15 7.96
CA SER A 52 -5.05 -7.34 8.79
C SER A 52 -6.35 -8.14 8.62
N PHE A 53 -7.46 -7.43 8.37
CA PHE A 53 -8.76 -8.07 8.17
C PHE A 53 -8.74 -8.89 6.87
N TYR A 54 -8.38 -8.25 5.76
CA TYR A 54 -8.32 -9.01 4.50
C TYR A 54 -7.33 -10.12 4.64
N PHE A 55 -6.41 -9.96 5.56
CA PHE A 55 -5.40 -10.96 5.79
C PHE A 55 -6.01 -12.17 6.49
N LYS A 56 -6.82 -11.97 7.54
CA LYS A 56 -7.49 -13.09 8.18
C LYS A 56 -8.33 -13.79 7.08
N LEU A 57 -9.26 -13.02 6.49
CA LEU A 57 -10.17 -13.49 5.43
C LEU A 57 -9.48 -14.43 4.43
N PHE A 58 -8.46 -13.94 3.74
CA PHE A 58 -7.85 -14.79 2.73
C PHE A 58 -7.24 -16.06 3.34
N LYS A 59 -6.92 -15.99 4.64
CA LYS A 59 -6.29 -17.08 5.41
C LYS A 59 -7.28 -18.19 5.61
N ASN A 60 -8.47 -17.82 6.05
CA ASN A 60 -9.55 -18.76 6.26
C ASN A 60 -10.09 -19.21 4.91
N PHE A 61 -9.32 -19.05 3.85
CA PHE A 61 -9.74 -19.45 2.52
C PHE A 61 -8.59 -20.00 1.73
N LYS A 62 -7.54 -20.44 2.40
CA LYS A 62 -6.42 -20.98 1.67
C LYS A 62 -6.64 -22.44 1.35
N ASP A 63 -7.69 -23.01 1.91
CA ASP A 63 -8.01 -24.40 1.61
C ASP A 63 -8.65 -24.40 0.23
N ASP A 64 -9.54 -23.44 0.01
CA ASP A 64 -10.27 -23.27 -1.25
C ASP A 64 -9.38 -23.08 -2.45
N GLN A 65 -9.00 -24.18 -3.10
CA GLN A 65 -8.12 -24.09 -4.25
C GLN A 65 -8.66 -23.22 -5.39
N SER A 66 -9.96 -23.24 -5.61
CA SER A 66 -10.57 -22.48 -6.69
C SER A 66 -10.25 -21.00 -6.80
N ILE A 67 -9.98 -20.32 -5.68
CA ILE A 67 -9.69 -18.88 -5.74
C ILE A 67 -8.29 -18.50 -5.33
N GLN A 68 -7.42 -19.49 -5.15
CA GLN A 68 -6.03 -19.24 -4.76
C GLN A 68 -5.25 -18.26 -5.63
N LYS A 69 -5.12 -18.51 -6.93
CA LYS A 69 -4.39 -17.59 -7.80
C LYS A 69 -4.84 -16.13 -7.60
N SER A 70 -6.14 -15.91 -7.43
CA SER A 70 -6.70 -14.57 -7.23
C SER A 70 -6.21 -13.99 -5.92
N VAL A 71 -6.34 -14.75 -4.85
CA VAL A 71 -5.94 -14.32 -3.51
C VAL A 71 -4.45 -14.05 -3.31
N GLU A 72 -3.59 -14.75 -4.04
CA GLU A 72 -2.16 -14.48 -3.92
C GLU A 72 -1.95 -13.16 -4.67
N THR A 73 -2.45 -13.09 -5.90
CA THR A 73 -2.34 -11.90 -6.73
C THR A 73 -2.78 -10.65 -6.06
N ILE A 74 -3.89 -10.69 -5.36
CA ILE A 74 -4.35 -9.50 -4.66
C ILE A 74 -3.33 -9.17 -3.60
N LYS A 75 -2.92 -10.18 -2.84
CA LYS A 75 -1.96 -10.02 -1.76
C LYS A 75 -0.65 -9.34 -2.12
N GLU A 76 0.02 -9.78 -3.19
CA GLU A 76 1.29 -9.14 -3.62
C GLU A 76 1.12 -7.64 -3.87
N ASP A 77 0.07 -7.31 -4.61
CA ASP A 77 -0.28 -5.94 -4.91
C ASP A 77 -0.55 -5.11 -3.63
N MET A 78 -1.12 -5.72 -2.62
CA MET A 78 -1.38 -5.06 -1.34
C MET A 78 -0.03 -4.84 -0.67
N ASN A 79 0.90 -5.77 -0.87
CA ASN A 79 2.24 -5.69 -0.30
C ASN A 79 2.96 -4.51 -0.96
N VAL A 80 2.94 -4.49 -2.28
CA VAL A 80 3.52 -3.43 -3.09
C VAL A 80 2.91 -2.03 -2.85
N LYS A 81 1.66 -1.97 -2.41
CA LYS A 81 1.02 -0.69 -2.20
C LYS A 81 1.04 -0.16 -0.77
N PHE A 82 0.77 -1.05 0.17
CA PHE A 82 0.70 -0.71 1.58
C PHE A 82 2.03 -0.82 2.32
N PHE A 83 2.79 -1.88 2.02
CA PHE A 83 4.06 -2.09 2.66
C PHE A 83 5.20 -1.58 1.81
N ASN A 84 4.83 -0.76 0.85
CA ASN A 84 5.74 -0.17 -0.09
C ASN A 84 6.87 -1.10 -0.51
N SER A 85 6.53 -2.32 -0.88
CA SER A 85 7.53 -3.29 -1.31
C SER A 85 8.68 -3.53 -0.31
N ASN A 86 8.45 -3.14 0.93
CA ASN A 86 9.45 -3.26 1.99
C ASN A 86 9.33 -4.60 2.74
N LYS A 87 10.10 -5.60 2.32
CA LYS A 87 10.05 -6.91 2.95
C LYS A 87 10.05 -6.93 4.48
N LYS A 88 10.79 -6.03 5.10
CA LYS A 88 10.79 -6.01 6.54
C LYS A 88 9.39 -5.66 6.97
N LYS A 89 8.96 -4.43 6.68
CA LYS A 89 7.64 -3.93 7.02
C LYS A 89 6.56 -5.00 7.05
N ARG A 90 6.46 -5.75 5.95
CA ARG A 90 5.49 -6.82 5.85
C ARG A 90 5.74 -7.79 7.00
N ASP A 91 6.96 -8.31 7.05
CA ASP A 91 7.32 -9.25 8.09
C ASP A 91 7.13 -8.75 9.51
N ASP A 92 7.43 -7.49 9.80
CA ASP A 92 7.21 -7.01 11.15
C ASP A 92 5.72 -7.05 11.38
N PHE A 93 4.96 -6.43 10.47
CA PHE A 93 3.49 -6.35 10.51
C PHE A 93 2.91 -7.73 10.81
N GLU A 94 3.30 -8.70 9.99
CA GLU A 94 2.85 -10.07 10.15
C GLU A 94 3.01 -10.53 11.60
N LYS A 95 4.25 -10.51 12.07
CA LYS A 95 4.58 -10.91 13.42
C LYS A 95 3.56 -10.34 14.40
N LEU A 96 3.38 -9.01 14.38
CA LEU A 96 2.47 -8.35 15.30
C LEU A 96 1.04 -8.85 15.17
N THR A 97 0.66 -9.23 13.97
CA THR A 97 -0.70 -9.67 13.81
C THR A 97 -0.92 -11.05 14.34
N ASN A 98 0.14 -11.82 14.52
CA ASN A 98 0.01 -13.18 15.04
C ASN A 98 0.62 -13.31 16.43
N TYR A 99 -0.13 -13.01 17.48
CA TYR A 99 0.40 -13.14 18.84
C TYR A 99 -0.76 -13.65 19.66
N SER A 100 -0.63 -14.86 20.22
CA SER A 100 -1.74 -15.37 21.01
C SER A 100 -2.06 -14.43 22.17
N VAL A 101 -3.10 -13.62 22.05
CA VAL A 101 -3.47 -12.73 23.12
C VAL A 101 -3.89 -13.56 24.33
N THR A 102 -3.76 -14.89 24.24
CA THR A 102 -4.14 -15.78 25.34
C THR A 102 -2.98 -16.64 25.84
N ASP A 103 -1.92 -16.72 25.04
CA ASP A 103 -0.72 -17.45 25.43
C ASP A 103 -0.36 -16.71 26.72
N LEU A 104 -0.48 -17.40 27.84
CA LEU A 104 -0.22 -16.80 29.15
C LEU A 104 1.13 -16.15 29.33
N ASN A 105 2.10 -16.52 28.49
CA ASN A 105 3.39 -15.88 28.59
C ASN A 105 3.42 -14.63 27.73
N VAL A 106 2.74 -14.67 26.57
CA VAL A 106 2.68 -13.54 25.67
C VAL A 106 2.03 -12.37 26.35
N GLN A 107 1.03 -12.62 27.19
CA GLN A 107 0.45 -11.46 27.88
C GLN A 107 1.34 -10.85 28.97
N ARG A 108 2.33 -11.59 29.46
CA ARG A 108 3.21 -11.05 30.49
C ARG A 108 4.24 -10.18 29.81
N LYS A 109 4.87 -10.80 28.81
CA LYS A 109 5.88 -10.16 28.02
C LYS A 109 5.32 -8.80 27.54
N ALA A 110 4.09 -8.77 27.04
CA ALA A 110 3.48 -7.51 26.60
C ALA A 110 3.20 -6.52 27.75
N ILE A 111 2.72 -7.03 28.88
CA ILE A 111 2.43 -6.16 30.02
C ILE A 111 3.74 -5.56 30.51
N HIS A 112 4.82 -6.24 30.17
CA HIS A 112 6.13 -5.76 30.56
C HIS A 112 6.48 -4.56 29.68
N GLU A 113 6.42 -4.74 28.35
CA GLU A 113 6.77 -3.67 27.45
C GLU A 113 5.70 -2.60 27.27
N LEU A 114 4.71 -2.51 28.16
CA LEU A 114 3.67 -1.50 28.04
C LEU A 114 4.23 -0.06 28.19
N ILE A 115 4.73 0.29 29.38
CA ILE A 115 5.29 1.64 29.61
C ILE A 115 6.23 2.08 28.48
N GLN A 116 7.15 1.21 28.11
CA GLN A 116 8.05 1.55 27.06
C GLN A 116 7.25 1.80 25.79
N VAL A 117 6.24 0.98 25.53
CA VAL A 117 5.39 1.14 24.34
C VAL A 117 4.65 2.47 24.42
N MET A 118 3.89 2.66 25.49
CA MET A 118 3.13 3.88 25.66
C MET A 118 3.96 5.15 25.78
N ALA A 119 5.27 5.00 25.85
CA ALA A 119 6.12 6.17 25.92
C ALA A 119 6.51 6.57 24.49
N GLU A 120 5.83 6.01 23.51
CA GLU A 120 6.18 6.31 22.13
C GLU A 120 5.05 6.30 21.06
N LEU A 121 3.79 6.04 21.45
CA LEU A 121 2.72 6.00 20.44
C LEU A 121 2.01 7.36 20.29
N SER A 122 2.56 8.32 21.02
CA SER A 122 2.12 9.70 20.99
C SER A 122 2.92 10.28 19.81
N PRO A 123 2.23 10.73 18.74
CA PRO A 123 2.89 11.29 17.57
C PRO A 123 4.14 12.09 17.89
N ALA A 124 5.29 11.57 17.48
CA ALA A 124 6.56 12.24 17.75
C ALA A 124 7.11 12.90 16.51
N ALA A 125 7.85 14.00 16.68
CA ALA A 125 8.41 14.72 15.53
C ALA A 125 9.56 15.69 15.84
N LYS A 126 10.80 15.18 15.75
CA LYS A 126 11.97 16.02 16.00
C LYS A 126 13.23 15.52 15.33
N THR A 127 13.37 15.90 14.07
CA THR A 127 14.50 15.55 13.20
C THR A 127 14.06 15.82 11.76
N MET B 1 6.78 14.45 38.08
CA MET B 1 6.47 13.14 38.72
C MET B 1 5.92 12.30 37.60
N GLN B 2 5.98 10.98 37.76
CA GLN B 2 5.59 10.14 36.67
C GLN B 2 4.18 10.30 36.14
N ASP B 3 4.14 10.31 34.80
CA ASP B 3 2.92 10.39 34.01
C ASP B 3 1.92 9.46 34.73
N PRO B 4 0.69 9.93 34.93
CA PRO B 4 -0.34 9.14 35.62
C PRO B 4 -0.36 7.63 35.35
N TYR B 5 -0.18 7.24 34.10
CA TYR B 5 -0.25 5.84 33.71
C TYR B 5 0.85 4.87 34.15
N VAL B 6 2.11 5.33 34.25
CA VAL B 6 3.22 4.43 34.64
C VAL B 6 2.86 3.70 35.93
N LYS B 7 2.26 4.43 36.87
CA LYS B 7 1.87 3.88 38.17
C LYS B 7 1.01 2.66 37.92
N GLU B 8 -0.06 2.90 37.18
CA GLU B 8 -1.04 1.86 36.84
C GLU B 8 -0.46 0.76 35.96
N ALA B 9 0.55 1.11 35.18
CA ALA B 9 1.17 0.15 34.30
C ALA B 9 1.98 -0.81 35.11
N GLU B 10 2.73 -0.28 36.07
CA GLU B 10 3.55 -1.12 36.93
C GLU B 10 2.65 -1.93 37.87
N ASN B 11 1.53 -1.33 38.23
CA ASN B 11 0.57 -1.99 39.10
C ASN B 11 0.16 -3.25 38.37
N LEU B 12 -0.30 -3.09 37.13
CA LEU B 12 -0.74 -4.23 36.31
C LEU B 12 0.39 -5.24 36.23
N LYS B 13 1.58 -4.69 36.00
CA LYS B 13 2.80 -5.44 35.85
C LYS B 13 2.97 -6.43 36.99
N LYS B 14 2.65 -6.01 38.22
CA LYS B 14 2.75 -6.91 39.37
C LYS B 14 1.70 -7.97 39.22
N TYR B 15 0.45 -7.53 39.05
CA TYR B 15 -0.68 -8.44 38.90
C TYR B 15 -0.34 -9.59 37.96
N PHE B 16 0.19 -9.28 36.78
CA PHE B 16 0.54 -10.33 35.82
C PHE B 16 1.82 -11.08 36.16
N ASN B 17 2.59 -10.53 37.12
CA ASN B 17 3.87 -11.09 37.52
C ASN B 17 4.81 -11.08 36.30
N ALA B 18 4.89 -9.91 35.65
CA ALA B 18 5.72 -9.76 34.47
C ALA B 18 7.17 -9.32 34.75
N GLY B 19 7.43 -8.97 36.01
CA GLY B 19 8.75 -8.52 36.43
C GLY B 19 9.72 -9.56 36.97
N HIS B 20 9.58 -10.77 36.49
CA HIS B 20 10.40 -11.87 36.88
C HIS B 20 11.39 -12.27 35.76
N SER B 21 12.63 -12.64 36.09
CA SER B 21 13.65 -13.06 35.12
C SER B 21 13.14 -13.62 33.79
N ASP B 22 12.34 -14.70 33.86
CA ASP B 22 11.81 -15.39 32.70
C ASP B 22 11.25 -14.52 31.58
N VAL B 23 10.53 -13.47 31.95
CA VAL B 23 9.92 -12.56 30.98
C VAL B 23 10.95 -12.04 30.02
N ALA B 24 12.19 -11.94 30.45
CA ALA B 24 13.26 -11.47 29.60
C ALA B 24 13.61 -12.46 28.46
N ASP B 25 13.20 -13.73 28.61
CA ASP B 25 13.48 -14.78 27.61
C ASP B 25 12.70 -14.57 26.31
N ASN B 26 13.32 -14.95 25.20
CA ASN B 26 12.70 -14.87 23.85
C ASN B 26 12.40 -13.47 23.26
N GLY B 27 13.44 -12.82 22.73
CA GLY B 27 13.29 -11.52 22.10
C GLY B 27 12.30 -10.60 22.74
N THR B 28 11.68 -9.73 21.94
CA THR B 28 10.69 -8.78 22.43
C THR B 28 9.55 -8.68 21.43
N LEU B 29 8.32 -8.60 21.92
CA LEU B 29 7.16 -8.51 21.04
C LEU B 29 7.15 -7.21 20.21
N PHE B 30 6.96 -6.09 20.92
CA PHE B 30 6.85 -4.78 20.32
C PHE B 30 8.18 -4.04 20.23
N LEU B 31 8.60 -3.45 21.36
CA LEU B 31 9.82 -2.66 21.54
C LEU B 31 10.86 -2.61 20.43
N GLY B 32 11.29 -3.78 19.95
CA GLY B 32 12.32 -3.79 18.92
C GLY B 32 11.79 -3.43 17.57
N ILE B 33 10.66 -4.04 17.19
CA ILE B 33 9.99 -3.83 15.91
C ILE B 33 9.67 -2.38 15.77
N LEU B 34 9.07 -1.85 16.81
CA LEU B 34 8.71 -0.46 16.84
C LEU B 34 9.99 0.41 16.72
N LYS B 35 11.15 -0.21 16.95
CA LYS B 35 12.42 0.52 16.86
C LYS B 35 13.00 0.59 15.45
N ASN B 36 12.53 -0.30 14.58
CA ASN B 36 12.98 -0.31 13.20
C ASN B 36 12.26 0.76 12.39
N TRP B 37 11.25 1.41 12.96
CA TRP B 37 10.50 2.41 12.19
C TRP B 37 10.38 3.76 12.89
N LYS B 38 10.93 4.78 12.22
CA LYS B 38 10.88 6.14 12.75
C LYS B 38 9.98 7.08 11.94
N GLU B 39 9.67 6.71 10.70
CA GLU B 39 8.80 7.54 9.87
C GLU B 39 7.41 7.37 10.48
N GLU B 40 6.82 8.45 10.96
CA GLU B 40 5.50 8.38 11.63
C GLU B 40 4.42 7.50 11.01
N SER B 41 4.26 7.58 9.68
CA SER B 41 3.26 6.76 9.02
C SER B 41 3.49 5.30 9.41
N ASP B 42 4.69 4.77 9.13
CA ASP B 42 5.02 3.40 9.48
C ASP B 42 4.85 3.15 10.97
N ARG B 43 5.39 4.02 11.80
CA ARG B 43 5.22 3.81 13.23
C ARG B 43 3.75 3.55 13.51
N LYS B 44 2.87 4.19 12.74
CA LYS B 44 1.42 4.00 12.90
C LYS B 44 0.94 2.70 12.26
N ILE B 45 1.57 2.21 11.19
CA ILE B 45 1.01 0.98 10.68
C ILE B 45 1.25 -0.19 11.63
N MET B 46 2.15 0.01 12.60
CA MET B 46 2.50 -0.99 13.61
C MET B 46 1.82 -0.69 14.93
N GLN B 47 1.93 0.55 15.38
CA GLN B 47 1.29 0.89 16.65
C GLN B 47 -0.18 0.53 16.63
N SER B 48 -0.78 0.57 15.45
CA SER B 48 -2.19 0.21 15.35
C SER B 48 -2.43 -1.23 15.86
N GLN B 49 -1.69 -2.19 15.29
CA GLN B 49 -1.81 -3.59 15.70
C GLN B 49 -1.43 -3.73 17.17
N ILE B 50 -0.46 -2.95 17.66
CA ILE B 50 -0.08 -3.01 19.07
C ILE B 50 -1.22 -2.48 19.98
N VAL B 51 -1.95 -1.45 19.55
CA VAL B 51 -3.03 -0.98 20.41
C VAL B 51 -4.22 -1.91 20.35
N SER B 52 -4.51 -2.47 19.17
CA SER B 52 -5.63 -3.39 19.10
C SER B 52 -5.34 -4.61 20.00
N PHE B 53 -4.08 -4.97 20.10
CA PHE B 53 -3.69 -6.09 20.93
C PHE B 53 -3.92 -5.74 22.39
N TYR B 54 -3.36 -4.65 22.90
CA TYR B 54 -3.62 -4.30 24.29
C TYR B 54 -5.12 -4.16 24.51
N PHE B 55 -5.83 -3.86 23.41
CA PHE B 55 -7.26 -3.68 23.51
C PHE B 55 -7.97 -5.02 23.75
N LYS B 56 -7.60 -6.07 23.00
CA LYS B 56 -8.17 -7.39 23.22
C LYS B 56 -7.84 -7.74 24.71
N LEU B 57 -6.55 -7.75 25.03
CA LEU B 57 -6.00 -8.08 26.37
C LEU B 57 -6.85 -7.49 27.49
N PHE B 58 -6.92 -6.17 27.55
CA PHE B 58 -7.71 -5.57 28.65
C PHE B 58 -9.20 -6.00 28.63
N LYS B 59 -9.69 -6.39 27.45
CA LYS B 59 -11.07 -6.83 27.23
C LYS B 59 -11.29 -8.15 27.92
N ASN B 60 -10.36 -9.09 27.68
CA ASN B 60 -10.41 -10.42 28.28
C ASN B 60 -10.04 -10.33 29.75
N PHE B 61 -10.16 -9.14 30.33
CA PHE B 61 -9.84 -8.91 31.72
C PHE B 61 -10.76 -7.89 32.35
N LYS B 62 -11.91 -7.66 31.75
CA LYS B 62 -12.83 -6.70 32.36
C LYS B 62 -13.71 -7.40 33.38
N ASP B 63 -13.82 -8.72 33.17
CA ASP B 63 -14.58 -9.61 34.02
C ASP B 63 -13.92 -9.60 35.40
N ASP B 64 -12.67 -9.14 35.44
CA ASP B 64 -11.91 -9.05 36.68
C ASP B 64 -12.09 -7.65 37.22
N GLN B 65 -12.27 -7.57 38.54
CA GLN B 65 -12.47 -6.28 39.20
C GLN B 65 -11.20 -5.72 39.80
N SER B 66 -10.36 -6.58 40.36
CA SER B 66 -9.12 -6.12 40.99
C SER B 66 -8.21 -5.15 40.23
N ILE B 67 -8.16 -5.26 38.90
CA ILE B 67 -7.29 -4.37 38.13
C ILE B 67 -8.00 -3.35 37.23
N GLN B 68 -9.32 -3.26 37.40
CA GLN B 68 -10.10 -2.36 36.58
C GLN B 68 -9.66 -0.90 36.56
N LYS B 69 -9.56 -0.27 37.73
CA LYS B 69 -9.14 1.14 37.75
C LYS B 69 -7.87 1.37 36.94
N SER B 70 -6.93 0.41 37.02
CA SER B 70 -5.64 0.50 36.30
C SER B 70 -5.87 0.46 34.80
N VAL B 71 -6.62 -0.56 34.38
CA VAL B 71 -6.91 -0.77 32.96
C VAL B 71 -7.70 0.35 32.26
N GLU B 72 -8.57 1.06 33.00
CA GLU B 72 -9.31 2.16 32.39
C GLU B 72 -8.28 3.26 32.30
N THR B 73 -7.57 3.52 33.40
CA THR B 73 -6.58 4.58 33.42
C THR B 73 -5.58 4.50 32.31
N ILE B 74 -5.10 3.28 32.05
CA ILE B 74 -4.12 3.13 30.99
C ILE B 74 -4.78 3.51 29.66
N LYS B 75 -5.97 2.94 29.46
CA LYS B 75 -6.76 3.16 28.26
C LYS B 75 -6.96 4.64 27.89
N GLU B 76 -7.49 5.45 28.80
CA GLU B 76 -7.69 6.86 28.48
C GLU B 76 -6.41 7.53 27.92
N ASP B 77 -5.32 7.29 28.64
CA ASP B 77 -4.03 7.83 28.28
C ASP B 77 -3.61 7.36 26.87
N MET B 78 -4.00 6.14 26.52
CA MET B 78 -3.65 5.56 25.21
C MET B 78 -4.47 6.33 24.17
N ASN B 79 -5.69 6.70 24.58
CA ASN B 79 -6.63 7.42 23.74
C ASN B 79 -6.04 8.81 23.46
N VAL B 80 -5.68 9.48 24.54
CA VAL B 80 -5.09 10.79 24.47
C VAL B 80 -3.76 10.81 23.71
N LYS B 81 -3.07 9.68 23.65
CA LYS B 81 -1.77 9.66 23.02
C LYS B 81 -1.77 9.20 21.59
N PHE B 82 -2.51 8.13 21.36
CA PHE B 82 -2.55 7.53 20.04
C PHE B 82 -3.64 8.06 19.12
N PHE B 83 -4.81 8.29 19.70
CA PHE B 83 -5.94 8.79 18.94
C PHE B 83 -6.04 10.28 19.08
N ASN B 84 -4.95 10.87 19.56
CA ASN B 84 -4.84 12.31 19.80
C ASN B 84 -6.12 12.97 20.31
N SER B 85 -6.72 12.37 21.33
CA SER B 85 -7.96 12.87 21.94
C SER B 85 -9.12 13.07 20.94
N ASN B 86 -9.02 12.46 19.77
CA ASN B 86 -10.02 12.59 18.72
C ASN B 86 -11.11 11.52 18.83
N LYS B 87 -12.21 11.84 19.51
CA LYS B 87 -13.31 10.88 19.70
C LYS B 87 -13.73 10.10 18.45
N LYS B 88 -13.67 10.71 17.28
CA LYS B 88 -14.06 9.97 16.09
C LYS B 88 -13.05 8.88 15.93
N LYS B 89 -11.82 9.26 15.64
CA LYS B 89 -10.70 8.34 15.43
C LYS B 89 -10.81 7.08 16.28
N ARG B 90 -10.97 7.24 17.58
CA ARG B 90 -11.12 6.11 18.47
C ARG B 90 -12.28 5.28 17.94
N ASP B 91 -13.46 5.92 17.85
CA ASP B 91 -14.67 5.22 17.40
C ASP B 91 -14.57 4.55 16.04
N ASP B 92 -13.88 5.17 15.10
CA ASP B 92 -13.74 4.51 13.81
C ASP B 92 -12.91 3.29 14.04
N PHE B 93 -11.73 3.50 14.63
CA PHE B 93 -10.78 2.45 14.96
C PHE B 93 -11.51 1.28 15.58
N GLU B 94 -12.24 1.55 16.67
CA GLU B 94 -13.00 0.51 17.36
C GLU B 94 -13.82 -0.33 16.37
N LYS B 95 -14.68 0.36 15.64
CA LYS B 95 -15.53 -0.29 14.65
C LYS B 95 -14.73 -1.29 13.83
N LEU B 96 -13.64 -0.81 13.23
CA LEU B 96 -12.79 -1.67 12.39
C LEU B 96 -12.23 -2.87 13.11
N THR B 97 -11.96 -2.72 14.39
CA THR B 97 -11.40 -3.83 15.08
C THR B 97 -12.41 -4.85 15.45
N ASN B 98 -13.70 -4.52 15.43
CA ASN B 98 -14.74 -5.51 15.74
C ASN B 98 -15.59 -5.82 14.51
N TYR B 99 -15.19 -6.77 13.68
CA TYR B 99 -15.96 -7.15 12.51
C TYR B 99 -15.82 -8.65 12.43
N SER B 100 -16.92 -9.39 12.54
CA SER B 100 -16.79 -10.83 12.47
C SER B 100 -16.22 -11.24 11.11
N VAL B 101 -14.95 -11.58 11.07
CA VAL B 101 -14.34 -12.01 9.83
C VAL B 101 -15.00 -13.34 9.40
N THR B 102 -16.03 -13.78 10.13
CA THR B 102 -16.74 -15.02 9.80
C THR B 102 -18.21 -14.80 9.53
N ASP B 103 -18.72 -13.62 9.92
CA ASP B 103 -20.11 -13.26 9.69
C ASP B 103 -20.20 -13.36 8.17
N LEU B 104 -20.93 -14.34 7.66
CA LEU B 104 -20.99 -14.57 6.21
C LEU B 104 -21.39 -13.38 5.38
N ASN B 105 -22.04 -12.40 6.00
CA ASN B 105 -22.42 -11.23 5.26
C ASN B 105 -21.32 -10.19 5.30
N VAL B 106 -20.62 -10.11 6.44
CA VAL B 106 -19.48 -9.18 6.59
C VAL B 106 -18.37 -9.52 5.60
N GLN B 107 -18.12 -10.78 5.33
CA GLN B 107 -17.14 -11.05 4.31
C GLN B 107 -17.54 -10.69 2.85
N ARG B 108 -18.85 -10.56 2.56
CA ARG B 108 -19.30 -10.19 1.18
C ARG B 108 -19.16 -8.69 1.02
N LYS B 109 -19.70 -8.02 2.01
CA LYS B 109 -19.64 -6.60 2.06
C LYS B 109 -18.19 -6.17 1.88
N ALA B 110 -17.25 -6.78 2.60
CA ALA B 110 -15.82 -6.44 2.46
C ALA B 110 -15.23 -6.81 1.11
N ILE B 111 -15.59 -7.97 0.57
CA ILE B 111 -15.09 -8.37 -0.74
C ILE B 111 -15.62 -7.40 -1.79
N HIS B 112 -16.70 -6.72 -1.44
CA HIS B 112 -17.27 -5.77 -2.34
C HIS B 112 -16.38 -4.53 -2.33
N GLU B 113 -16.19 -3.95 -1.16
CA GLU B 113 -15.35 -2.74 -1.07
C GLU B 113 -13.85 -2.95 -1.19
N LEU B 114 -13.40 -4.06 -1.77
CA LEU B 114 -11.96 -4.33 -1.91
C LEU B 114 -11.33 -3.38 -2.89
N ILE B 115 -11.68 -3.46 -4.18
CA ILE B 115 -11.10 -2.58 -5.22
C ILE B 115 -11.11 -1.12 -4.81
N GLN B 116 -12.20 -0.66 -4.26
CA GLN B 116 -12.25 0.70 -3.80
C GLN B 116 -11.23 0.92 -2.68
N VAL B 117 -11.14 -0.01 -1.71
CA VAL B 117 -10.16 0.07 -0.60
C VAL B 117 -8.73 0.12 -1.12
N MET B 118 -8.43 -0.74 -2.09
CA MET B 118 -7.11 -0.76 -2.66
C MET B 118 -6.74 0.52 -3.41
N ALA B 119 -7.74 1.20 -3.99
CA ALA B 119 -7.45 2.42 -4.79
C ALA B 119 -7.21 3.69 -3.99
N GLU B 120 -7.03 3.55 -2.68
CA GLU B 120 -6.75 4.64 -1.76
C GLU B 120 -5.68 4.17 -0.76
N LEU B 121 -5.16 2.95 -0.94
CA LEU B 121 -4.13 2.40 -0.03
C LEU B 121 -2.86 3.24 -0.09
N SER B 122 -2.42 3.52 -1.30
CA SER B 122 -1.24 4.34 -1.53
C SER B 122 -1.55 5.80 -1.12
N PRO B 123 -0.50 6.57 -0.80
CA PRO B 123 -0.64 7.97 -0.38
C PRO B 123 -0.86 8.80 -1.61
N ALA B 124 -1.63 9.87 -1.47
CA ALA B 124 -1.91 10.76 -2.62
C ALA B 124 -1.11 12.06 -2.58
N ALA B 125 -1.15 12.79 -3.68
CA ALA B 125 -0.45 14.07 -3.76
C ALA B 125 -1.44 15.24 -3.68
N LYS B 126 -2.64 15.02 -4.21
CA LYS B 126 -3.68 16.05 -4.22
C LYS B 126 -4.84 15.57 -3.34
N THR B 127 -4.54 14.59 -2.50
CA THR B 127 -5.50 13.96 -1.59
C THR B 127 -6.52 13.16 -2.39
N VAL C 12 -49.47 -9.04 -12.42
CA VAL C 12 -49.37 -8.98 -13.91
C VAL C 12 -47.99 -9.50 -14.31
N PRO C 13 -47.67 -9.60 -15.63
CA PRO C 13 -46.36 -10.08 -16.10
C PRO C 13 -45.12 -9.29 -15.61
N THR C 14 -43.94 -9.86 -15.82
CA THR C 14 -42.71 -9.23 -15.35
C THR C 14 -41.87 -8.59 -16.43
N PRO C 15 -41.27 -7.42 -16.13
CA PRO C 15 -40.43 -6.73 -17.09
C PRO C 15 -39.29 -7.64 -17.51
N THR C 16 -38.77 -7.43 -18.71
CA THR C 16 -37.68 -8.28 -19.17
C THR C 16 -36.47 -7.53 -19.73
N ASN C 17 -35.32 -8.19 -19.71
CA ASN C 17 -34.09 -7.66 -20.21
C ASN C 17 -33.76 -6.27 -19.69
N VAL C 18 -33.75 -6.12 -18.35
CA VAL C 18 -33.41 -4.83 -17.75
C VAL C 18 -31.96 -4.50 -18.09
N THR C 19 -31.68 -3.22 -18.30
CA THR C 19 -30.38 -2.80 -18.72
C THR C 19 -30.13 -1.36 -18.39
N ILE C 20 -29.02 -1.08 -17.71
CA ILE C 20 -28.66 0.30 -17.44
C ILE C 20 -27.62 0.60 -18.50
N GLU C 21 -27.48 1.88 -18.84
CA GLU C 21 -26.50 2.32 -19.83
C GLU C 21 -26.16 3.73 -19.50
N SER C 22 -24.89 4.10 -19.72
CA SER C 22 -24.47 5.45 -19.42
C SER C 22 -23.51 6.06 -20.44
N TYR C 23 -23.59 7.39 -20.57
CA TYR C 23 -22.75 8.18 -21.44
C TYR C 23 -22.56 9.51 -20.78
N ASN C 24 -21.31 9.96 -20.69
CA ASN C 24 -20.98 11.21 -20.04
C ASN C 24 -21.61 11.30 -18.67
N MET C 25 -21.68 10.16 -18.00
CA MET C 25 -22.21 10.15 -16.65
C MET C 25 -23.66 10.57 -16.37
N ASN C 26 -24.57 9.71 -16.79
CA ASN C 26 -26.00 9.83 -16.60
C ASN C 26 -26.54 8.60 -17.27
N PRO C 27 -26.83 7.59 -16.44
CA PRO C 27 -27.37 6.30 -16.87
C PRO C 27 -28.89 6.25 -16.98
N ILE C 28 -29.39 5.43 -17.90
CA ILE C 28 -30.84 5.29 -18.11
C ILE C 28 -31.17 3.81 -18.05
N VAL C 29 -32.17 3.45 -17.24
CA VAL C 29 -32.58 2.05 -17.12
C VAL C 29 -33.50 1.69 -18.27
N TYR C 30 -33.28 0.56 -18.91
CA TYR C 30 -34.11 0.14 -20.03
C TYR C 30 -34.67 -1.25 -19.76
N TRP C 31 -35.93 -1.48 -20.16
CA TRP C 31 -36.57 -2.79 -19.98
C TRP C 31 -37.67 -3.05 -21.00
N GLU C 32 -37.77 -4.28 -21.45
CA GLU C 32 -38.80 -4.67 -22.40
C GLU C 32 -40.08 -4.96 -21.59
N TYR C 33 -41.10 -5.44 -22.31
CA TYR C 33 -42.40 -5.84 -21.76
C TYR C 33 -43.27 -6.28 -22.93
N GLN C 34 -44.09 -7.32 -22.74
CA GLN C 34 -44.99 -7.80 -23.80
C GLN C 34 -46.18 -6.84 -23.96
N ILE C 35 -46.83 -6.83 -25.09
CA ILE C 35 -47.94 -5.89 -25.16
C ILE C 35 -49.20 -6.39 -24.43
N MET C 36 -49.54 -5.66 -23.37
CA MET C 36 -50.70 -5.99 -22.54
C MET C 36 -51.98 -5.30 -22.99
N PRO C 37 -53.14 -5.98 -22.80
CA PRO C 37 -54.48 -5.50 -23.15
C PRO C 37 -54.56 -4.01 -22.84
N GLN C 38 -54.41 -3.67 -21.56
CA GLN C 38 -54.40 -2.28 -21.18
C GLN C 38 -52.96 -1.87 -21.02
N VAL C 39 -52.73 -0.63 -21.40
CA VAL C 39 -51.45 0.03 -21.29
C VAL C 39 -51.06 0.01 -19.79
N PRO C 40 -49.88 -0.56 -19.47
CA PRO C 40 -49.38 -0.65 -18.10
C PRO C 40 -48.47 0.45 -17.76
N VAL C 41 -48.29 0.67 -16.48
CA VAL C 41 -47.34 1.66 -16.06
C VAL C 41 -46.17 0.90 -15.46
N PHE C 42 -45.11 1.62 -15.08
CA PHE C 42 -43.93 1.00 -14.49
C PHE C 42 -43.30 1.86 -13.41
N THR C 43 -42.58 1.20 -12.51
CA THR C 43 -41.86 1.88 -11.45
C THR C 43 -40.49 1.25 -11.30
N VAL C 44 -39.47 2.09 -11.51
CA VAL C 44 -38.08 1.71 -11.41
C VAL C 44 -37.54 2.27 -10.09
N GLU C 45 -36.93 1.37 -9.31
CA GLU C 45 -36.33 1.71 -8.02
C GLU C 45 -34.82 1.44 -8.01
N VAL C 46 -34.06 2.39 -7.49
CA VAL C 46 -32.61 2.27 -7.43
C VAL C 46 -32.09 2.12 -6.00
N LYS C 47 -31.14 1.20 -5.81
CA LYS C 47 -30.49 0.98 -4.51
C LYS C 47 -29.01 1.01 -4.79
N ASN C 48 -28.32 1.88 -4.11
CA ASN C 48 -26.90 2.00 -4.34
C ASN C 48 -26.09 1.70 -3.09
N TYR C 49 -25.09 0.82 -3.26
CA TYR C 49 -24.19 0.38 -2.21
C TYR C 49 -23.87 1.48 -1.21
N GLY C 50 -23.90 1.10 0.05
CA GLY C 50 -23.62 2.05 1.08
C GLY C 50 -24.92 2.71 1.43
N VAL C 51 -25.93 1.85 1.63
CA VAL C 51 -27.28 2.29 1.99
C VAL C 51 -27.32 2.36 3.50
N LYS C 52 -27.87 3.44 4.05
CA LYS C 52 -27.98 3.61 5.49
C LYS C 52 -28.60 2.37 6.11
N ASN C 53 -29.76 1.98 5.59
CA ASN C 53 -30.46 0.80 6.09
C ASN C 53 -30.61 -0.25 4.98
N SER C 54 -31.79 -0.32 4.38
CA SER C 54 -32.01 -1.29 3.31
C SER C 54 -33.13 -0.89 2.31
N GLU C 55 -33.61 0.35 2.40
CA GLU C 55 -34.68 0.89 1.53
C GLU C 55 -34.21 1.22 0.12
N TRP C 56 -35.03 0.87 -0.88
CA TRP C 56 -34.73 1.20 -2.26
C TRP C 56 -35.27 2.61 -2.50
N ILE C 57 -35.09 3.12 -3.71
CA ILE C 57 -35.54 4.47 -4.00
C ILE C 57 -36.33 4.49 -5.30
N ASP C 58 -37.42 5.23 -5.33
CA ASP C 58 -38.25 5.32 -6.52
C ASP C 58 -37.69 6.40 -7.44
N ALA C 59 -37.22 5.97 -8.61
CA ALA C 59 -36.62 6.86 -9.60
C ALA C 59 -37.67 7.45 -10.54
N CYS C 60 -38.59 6.60 -10.98
CA CYS C 60 -39.66 6.98 -11.88
C CYS C 60 -40.83 6.08 -11.42
N ILE C 61 -41.84 6.73 -10.83
CA ILE C 61 -43.04 6.09 -10.27
C ILE C 61 -44.20 6.01 -11.29
N ASN C 62 -44.67 4.79 -11.53
CA ASN C 62 -45.74 4.46 -12.48
C ASN C 62 -45.76 5.24 -13.80
N ILE C 63 -44.69 5.01 -14.53
CA ILE C 63 -44.38 5.56 -15.83
C ILE C 63 -44.93 4.68 -16.96
N SER C 64 -45.27 5.27 -18.10
CA SER C 64 -45.82 4.47 -19.18
C SER C 64 -44.79 4.00 -20.20
N HIS C 65 -43.66 4.70 -20.28
CA HIS C 65 -42.59 4.36 -21.25
C HIS C 65 -41.72 3.14 -20.95
N HIS C 66 -40.58 3.04 -21.60
CA HIS C 66 -39.71 1.89 -21.38
C HIS C 66 -38.26 2.28 -21.12
N TYR C 67 -38.07 3.37 -20.39
CA TYR C 67 -36.75 3.87 -20.07
C TYR C 67 -36.84 4.73 -18.82
N CYS C 68 -35.71 4.98 -18.17
CA CYS C 68 -35.67 5.82 -16.99
C CYS C 68 -34.32 6.45 -16.69
N ASN C 69 -34.26 7.77 -16.72
CA ASN C 69 -33.04 8.51 -16.45
C ASN C 69 -32.90 8.62 -14.95
N ILE C 70 -32.00 7.82 -14.39
CA ILE C 70 -31.75 7.76 -12.94
C ILE C 70 -30.66 8.70 -12.42
N SER C 71 -30.27 9.69 -13.22
CA SER C 71 -29.24 10.63 -12.78
C SER C 71 -29.25 11.09 -11.35
N ASP C 72 -30.41 11.22 -10.73
CA ASP C 72 -30.37 11.62 -9.32
C ASP C 72 -30.32 10.48 -8.30
N HIS C 73 -29.55 9.45 -8.63
CA HIS C 73 -29.34 8.28 -7.79
C HIS C 73 -27.91 7.82 -8.02
N VAL C 74 -27.21 8.53 -8.87
CA VAL C 74 -25.81 8.26 -9.16
C VAL C 74 -24.98 9.11 -8.19
N GLY C 75 -24.60 8.55 -7.06
CA GLY C 75 -23.78 9.28 -6.10
C GLY C 75 -22.36 9.32 -6.63
N ASP C 76 -21.40 8.81 -5.85
CA ASP C 76 -20.01 8.77 -6.30
C ASP C 76 -20.07 7.85 -7.47
N PRO C 77 -19.70 8.33 -8.64
CA PRO C 77 -19.74 7.52 -9.87
C PRO C 77 -18.95 6.24 -9.87
N SER C 78 -18.45 5.81 -8.72
CA SER C 78 -17.68 4.56 -8.63
C SER C 78 -18.40 3.56 -7.79
N ASN C 79 -19.45 4.00 -7.08
CA ASN C 79 -20.24 3.15 -6.18
C ASN C 79 -21.43 2.38 -6.74
N SER C 80 -21.19 1.13 -7.14
CA SER C 80 -22.20 0.22 -7.69
C SER C 80 -23.59 0.47 -7.18
N LEU C 81 -24.55 0.37 -8.08
CA LEU C 81 -25.98 0.52 -7.78
C LEU C 81 -26.75 -0.55 -8.53
N TRP C 82 -27.88 -0.95 -7.95
CA TRP C 82 -28.76 -1.94 -8.54
C TRP C 82 -30.13 -1.28 -8.64
N VAL C 83 -30.78 -1.44 -9.77
CA VAL C 83 -32.09 -0.85 -9.97
C VAL C 83 -33.03 -1.99 -10.33
N ARG C 84 -34.27 -1.86 -9.88
CA ARG C 84 -35.28 -2.87 -10.17
C ARG C 84 -36.49 -2.16 -10.74
N VAL C 85 -37.27 -2.89 -11.53
CA VAL C 85 -38.46 -2.31 -12.12
C VAL C 85 -39.64 -3.28 -12.06
N LYS C 86 -40.83 -2.71 -12.08
CA LYS C 86 -42.07 -3.48 -12.07
C LYS C 86 -43.12 -2.75 -12.90
N ALA C 87 -44.28 -3.38 -13.00
CA ALA C 87 -45.42 -2.84 -13.73
C ALA C 87 -46.64 -2.89 -12.83
N ARG C 88 -47.73 -2.34 -13.33
CA ARG C 88 -48.99 -2.37 -12.64
C ARG C 88 -49.97 -2.26 -13.77
N VAL C 89 -51.07 -3.01 -13.69
CA VAL C 89 -52.20 -2.96 -14.65
C VAL C 89 -53.32 -3.80 -14.15
N GLY C 90 -54.53 -3.34 -14.46
CA GLY C 90 -55.77 -3.96 -14.01
C GLY C 90 -55.83 -3.11 -12.76
N GLN C 91 -54.78 -3.30 -11.99
CA GLN C 91 -54.48 -2.64 -10.76
C GLN C 91 -53.43 -3.58 -10.22
N LYS C 92 -53.17 -4.66 -10.96
CA LYS C 92 -52.19 -5.59 -10.49
C LYS C 92 -50.79 -5.57 -11.04
N GLU C 93 -50.02 -5.31 -10.01
CA GLU C 93 -48.64 -5.21 -10.02
C GLU C 93 -48.07 -6.55 -10.16
N SER C 94 -46.77 -6.52 -10.39
CA SER C 94 -46.04 -7.74 -10.55
C SER C 94 -44.76 -7.73 -9.74
N ALA C 95 -44.06 -8.85 -9.87
CA ALA C 95 -42.80 -9.04 -9.20
C ALA C 95 -41.80 -8.11 -9.90
N TYR C 96 -40.74 -7.76 -9.17
CA TYR C 96 -39.70 -6.88 -9.70
C TYR C 96 -38.70 -7.56 -10.60
N ALA C 97 -38.05 -6.74 -11.42
CA ALA C 97 -37.03 -7.19 -12.36
C ALA C 97 -35.73 -6.55 -11.82
N LYS C 98 -34.66 -7.34 -11.69
CA LYS C 98 -33.42 -6.83 -11.14
C LYS C 98 -32.31 -6.59 -12.14
N SER C 99 -31.74 -5.40 -12.13
CA SER C 99 -30.64 -5.07 -13.00
C SER C 99 -29.45 -5.66 -12.28
N GLU C 100 -28.39 -5.95 -13.00
CA GLU C 100 -27.20 -6.45 -12.33
C GLU C 100 -26.55 -5.22 -11.66
N GLU C 101 -25.56 -5.45 -10.81
CA GLU C 101 -24.85 -4.35 -10.16
C GLU C 101 -24.26 -3.49 -11.29
N PHE C 102 -24.49 -2.20 -11.21
CA PHE C 102 -23.97 -1.29 -12.24
C PHE C 102 -23.01 -0.39 -11.54
N ALA C 103 -21.96 0.00 -12.24
CA ALA C 103 -20.97 0.88 -11.68
C ALA C 103 -20.73 1.86 -12.77
N VAL C 104 -21.21 3.09 -12.55
CA VAL C 104 -21.03 4.13 -13.58
C VAL C 104 -19.63 4.18 -14.23
N CYS C 105 -18.59 4.35 -13.40
CA CYS C 105 -17.19 4.45 -13.86
C CYS C 105 -16.63 3.21 -14.58
N ARG C 106 -17.00 2.01 -14.18
CA ARG C 106 -16.52 0.82 -14.85
C ARG C 106 -17.35 0.52 -16.05
N ASP C 107 -18.66 0.71 -15.90
CA ASP C 107 -19.63 0.39 -16.94
C ASP C 107 -20.15 1.45 -17.95
N GLY C 108 -19.78 2.72 -17.74
CA GLY C 108 -20.21 3.76 -18.66
C GLY C 108 -19.18 4.07 -19.72
N LYS C 109 -19.46 5.13 -20.50
CA LYS C 109 -18.54 5.60 -21.53
C LYS C 109 -18.57 7.14 -21.42
N ILE C 110 -17.46 7.79 -21.75
CA ILE C 110 -17.37 9.24 -21.63
C ILE C 110 -16.93 9.89 -22.92
N GLY C 111 -17.58 10.96 -23.29
CA GLY C 111 -17.22 11.60 -24.54
C GLY C 111 -15.76 11.90 -24.72
N PRO C 112 -15.27 11.99 -25.95
CA PRO C 112 -13.84 12.28 -26.12
C PRO C 112 -13.46 13.63 -25.63
N PRO C 113 -12.13 13.88 -25.49
CA PRO C 113 -11.64 15.16 -25.04
C PRO C 113 -11.66 16.06 -26.28
N LYS C 114 -11.39 17.35 -26.09
CA LYS C 114 -11.39 18.31 -27.19
C LYS C 114 -9.99 18.83 -27.49
N LEU C 115 -9.46 18.38 -28.63
CA LEU C 115 -8.11 18.70 -29.09
C LEU C 115 -7.92 19.95 -29.91
N ASP C 116 -6.78 20.60 -29.69
CA ASP C 116 -6.40 21.82 -30.43
C ASP C 116 -4.94 21.81 -30.79
N ILE C 117 -4.62 21.78 -32.07
CA ILE C 117 -3.22 21.79 -32.51
C ILE C 117 -2.92 23.19 -33.07
N ARG C 118 -1.66 23.63 -33.09
CA ARG C 118 -1.27 25.00 -33.57
C ARG C 118 0.22 25.06 -33.80
N LYS C 119 0.81 26.24 -33.71
CA LYS C 119 2.25 26.38 -33.90
C LYS C 119 2.98 27.52 -33.18
N GLU C 120 4.24 27.23 -32.83
CA GLU C 120 5.11 28.16 -32.17
C GLU C 120 6.47 27.75 -32.69
N GLU C 121 7.22 28.70 -33.25
CA GLU C 121 8.54 28.46 -33.82
C GLU C 121 8.93 27.02 -34.16
N LYS C 122 9.72 26.38 -33.30
CA LYS C 122 10.13 25.00 -33.57
C LYS C 122 9.23 23.94 -32.93
N GLN C 123 8.11 24.37 -32.35
CA GLN C 123 7.21 23.42 -31.72
C GLN C 123 5.70 23.57 -31.93
N ILE C 124 5.07 22.43 -32.25
CA ILE C 124 3.62 22.30 -32.43
C ILE C 124 3.06 22.20 -31.02
N MET C 125 2.01 22.96 -30.73
CA MET C 125 1.41 22.89 -29.41
C MET C 125 0.08 22.15 -29.50
N ILE C 126 -0.19 21.31 -28.50
CA ILE C 126 -1.44 20.56 -28.45
C ILE C 126 -2.18 20.84 -27.16
N ASP C 127 -3.45 21.15 -27.32
CA ASP C 127 -4.33 21.43 -26.21
C ASP C 127 -5.43 20.38 -26.18
N ILE C 128 -5.49 19.71 -25.04
CA ILE C 128 -6.44 18.64 -24.80
C ILE C 128 -7.38 19.10 -23.70
N PHE C 129 -8.52 19.60 -24.09
CA PHE C 129 -9.46 20.06 -23.11
C PHE C 129 -10.18 18.86 -22.57
N HIS C 130 -10.22 18.74 -21.23
CA HIS C 130 -10.87 17.60 -20.55
C HIS C 130 -12.31 17.42 -21.01
N PRO C 131 -12.78 16.17 -21.15
CA PRO C 131 -14.12 15.87 -21.58
C PRO C 131 -15.15 16.72 -20.87
N SER C 132 -16.18 17.08 -21.62
CA SER C 132 -17.30 17.91 -21.20
C SER C 132 -17.71 17.69 -19.74
N VAL C 133 -18.02 16.45 -19.39
CA VAL C 133 -18.44 16.09 -18.04
C VAL C 133 -17.60 16.66 -16.93
N PHE C 134 -16.32 16.37 -16.95
CA PHE C 134 -15.41 16.83 -15.91
C PHE C 134 -15.30 18.34 -15.78
N VAL C 135 -15.08 19.05 -16.87
CA VAL C 135 -14.97 20.50 -16.79
C VAL C 135 -16.32 21.07 -16.41
N ASN C 136 -16.44 21.58 -15.19
CA ASN C 136 -17.73 22.12 -14.75
C ASN C 136 -17.79 23.13 -13.62
N GLY C 137 -16.89 23.01 -12.63
CA GLY C 137 -17.00 23.89 -11.48
C GLY C 137 -18.16 23.21 -10.77
N ASP C 138 -17.86 21.99 -10.34
CA ASP C 138 -18.80 21.07 -9.70
C ASP C 138 -20.03 21.55 -8.96
N GLU C 139 -21.14 20.94 -9.36
CA GLU C 139 -22.46 21.16 -8.77
C GLU C 139 -23.03 19.73 -8.69
N GLN C 140 -22.63 18.91 -9.68
CA GLN C 140 -23.02 17.49 -9.79
C GLN C 140 -24.46 17.25 -10.24
N GLU C 141 -24.64 17.15 -11.55
CA GLU C 141 -25.94 16.90 -12.18
C GLU C 141 -25.75 17.00 -13.69
N ASP C 145 -13.95 17.64 -10.01
CA ASP C 145 -14.45 16.30 -9.57
C ASP C 145 -14.04 15.97 -8.13
N PRO C 146 -14.59 16.71 -7.14
CA PRO C 146 -14.26 16.47 -5.74
C PRO C 146 -14.79 15.17 -5.15
N GLU C 147 -13.91 14.55 -4.35
CA GLU C 147 -14.19 13.31 -3.63
C GLU C 147 -14.60 12.06 -4.43
N THR C 148 -13.99 11.86 -5.58
CA THR C 148 -14.29 10.68 -6.37
C THR C 148 -13.05 10.34 -7.14
N THR C 149 -12.76 9.05 -7.22
CA THR C 149 -11.59 8.58 -7.92
C THR C 149 -11.92 8.36 -9.33
N CYS C 150 -13.04 8.95 -9.81
CA CYS C 150 -13.44 8.82 -11.21
C CYS C 150 -13.09 10.04 -11.99
N TYR C 151 -11.81 10.16 -12.33
CA TYR C 151 -11.24 11.25 -13.11
C TYR C 151 -10.27 10.65 -14.10
N ILE C 152 -9.71 11.48 -14.97
CA ILE C 152 -8.78 11.00 -15.96
C ILE C 152 -7.39 11.03 -15.31
N ARG C 153 -6.63 9.94 -15.42
CA ARG C 153 -5.27 9.90 -14.86
C ARG C 153 -4.26 10.13 -15.95
N VAL C 154 -4.33 9.38 -17.03
CA VAL C 154 -3.45 9.59 -18.13
C VAL C 154 -4.20 9.85 -19.40
N TYR C 155 -3.69 10.78 -20.23
CA TYR C 155 -4.27 11.06 -21.56
C TYR C 155 -3.32 10.36 -22.53
N ASN C 156 -3.83 9.71 -23.54
CA ASN C 156 -2.96 9.07 -24.50
C ASN C 156 -3.02 9.87 -25.77
N VAL C 157 -2.08 10.77 -25.98
CA VAL C 157 -2.08 11.58 -27.20
C VAL C 157 -1.34 10.77 -28.24
N TYR C 158 -1.98 10.47 -29.36
CA TYR C 158 -1.33 9.73 -30.41
C TYR C 158 -1.02 10.76 -31.41
N VAL C 159 0.10 10.63 -32.11
CA VAL C 159 0.45 11.59 -33.13
C VAL C 159 0.92 10.84 -34.34
N ARG C 160 0.18 10.98 -35.43
CA ARG C 160 0.55 10.29 -36.68
C ARG C 160 1.20 11.28 -37.61
N MET C 161 2.31 10.89 -38.17
CA MET C 161 3.05 11.73 -39.09
C MET C 161 3.37 10.84 -40.28
N ASN C 162 4.16 11.34 -41.23
CA ASN C 162 4.52 10.65 -42.45
C ASN C 162 3.89 9.29 -42.61
N GLY C 163 4.45 8.30 -41.92
CA GLY C 163 3.90 6.96 -42.00
C GLY C 163 4.31 6.20 -40.78
N SER C 164 4.36 6.90 -39.66
CA SER C 164 4.77 6.30 -38.39
C SER C 164 3.89 6.85 -37.25
N GLU C 165 3.80 6.14 -36.14
CA GLU C 165 3.00 6.63 -35.02
C GLU C 165 3.66 6.57 -33.64
N ILE C 166 3.36 7.55 -32.80
CA ILE C 166 3.92 7.57 -31.44
C ILE C 166 2.86 8.00 -30.46
N GLN C 167 2.74 7.27 -29.34
CA GLN C 167 1.75 7.59 -28.29
C GLN C 167 2.41 8.66 -27.43
N TYR C 168 1.68 9.21 -26.47
CA TYR C 168 2.26 10.24 -25.56
C TYR C 168 1.53 10.23 -24.25
N LYS C 169 2.07 9.58 -23.23
CA LYS C 169 1.39 9.48 -21.94
C LYS C 169 1.38 10.90 -21.43
N ILE C 170 0.51 11.20 -20.47
CA ILE C 170 0.40 12.54 -19.88
C ILE C 170 -0.33 12.40 -18.60
N LEU C 171 0.34 12.63 -17.49
CA LEU C 171 -0.29 12.46 -16.22
C LEU C 171 -1.01 13.70 -15.81
N THR C 172 -2.33 13.68 -15.84
CA THR C 172 -3.10 14.83 -15.43
C THR C 172 -2.83 15.28 -14.00
N GLN C 173 -2.40 14.35 -13.16
CA GLN C 173 -2.13 14.64 -11.76
C GLN C 173 -0.67 15.03 -11.55
N LYS C 174 0.22 14.05 -11.41
CA LYS C 174 1.64 14.33 -11.19
C LYS C 174 2.26 14.82 -12.48
N GLU C 175 2.00 16.10 -12.77
CA GLU C 175 2.46 16.80 -13.96
C GLU C 175 1.74 18.14 -13.92
N ASP C 176 2.42 19.20 -14.32
CA ASP C 176 1.77 20.50 -14.31
C ASP C 176 1.53 21.03 -15.73
N ASP C 177 1.03 20.15 -16.60
CA ASP C 177 0.70 20.51 -17.96
C ASP C 177 -0.81 20.66 -17.97
N CYS C 178 -1.46 19.82 -17.17
CA CYS C 178 -2.91 19.85 -17.06
C CYS C 178 -3.35 20.72 -15.91
N ASP C 179 -4.60 21.11 -15.95
CA ASP C 179 -5.21 21.90 -14.91
C ASP C 179 -6.69 21.59 -15.03
N GLU C 180 -7.53 22.14 -14.15
CA GLU C 180 -8.97 21.89 -14.18
C GLU C 180 -9.63 21.98 -15.55
N ILE C 181 -9.02 22.74 -16.45
CA ILE C 181 -9.55 22.89 -17.78
C ILE C 181 -8.88 22.04 -18.85
N GLN C 182 -7.60 22.34 -19.15
CA GLN C 182 -6.87 21.63 -20.21
C GLN C 182 -5.60 20.86 -19.85
N CYS C 183 -4.83 20.53 -20.88
CA CYS C 183 -3.58 19.79 -20.79
C CYS C 183 -2.72 20.26 -21.95
N GLN C 184 -1.39 20.25 -21.81
CA GLN C 184 -0.53 20.70 -22.90
C GLN C 184 0.42 19.60 -23.30
N LEU C 185 0.92 19.67 -24.52
CA LEU C 185 1.88 18.72 -24.99
C LEU C 185 2.63 19.31 -26.19
N ALA C 186 3.82 19.88 -25.98
CA ALA C 186 4.56 20.44 -27.12
C ALA C 186 5.28 19.30 -27.84
N ILE C 187 5.51 19.47 -29.12
CA ILE C 187 6.16 18.45 -29.93
C ILE C 187 7.18 19.09 -30.86
N PRO C 188 8.36 18.48 -31.02
CA PRO C 188 9.36 19.08 -31.91
C PRO C 188 8.97 18.81 -33.38
N VAL C 189 9.20 19.78 -34.26
CA VAL C 189 8.86 19.57 -35.68
C VAL C 189 9.76 18.46 -36.25
N SER C 190 9.27 17.24 -36.09
CA SER C 190 9.95 16.02 -36.47
C SER C 190 10.05 15.60 -37.95
N SER C 191 10.89 14.58 -38.15
CA SER C 191 11.14 13.93 -39.42
C SER C 191 10.67 14.66 -40.68
N LEU C 192 11.29 15.82 -40.86
CA LEU C 192 11.05 16.77 -41.96
C LEU C 192 9.69 17.08 -42.51
N ASN C 193 8.93 16.10 -42.99
CA ASN C 193 7.61 16.52 -43.45
C ASN C 193 6.32 16.05 -42.86
N SER C 194 5.60 17.12 -42.62
CA SER C 194 4.33 17.27 -42.01
C SER C 194 3.10 16.43 -42.14
N GLN C 195 2.00 17.08 -41.78
CA GLN C 195 0.70 16.53 -41.77
C GLN C 195 0.81 15.69 -40.53
N TYR C 196 0.92 16.39 -39.40
CA TYR C 196 0.92 15.71 -38.13
C TYR C 196 -0.55 15.57 -37.81
N CYS C 197 -0.96 14.43 -37.28
CA CYS C 197 -2.36 14.22 -36.96
C CYS C 197 -2.57 13.81 -35.52
N VAL C 198 -3.28 14.63 -34.76
CA VAL C 198 -3.49 14.35 -33.36
C VAL C 198 -4.88 13.79 -32.96
N SER C 199 -4.91 12.81 -32.05
CA SER C 199 -6.13 12.19 -31.52
C SER C 199 -5.79 11.87 -30.12
N ALA C 200 -6.76 11.80 -29.22
CA ALA C 200 -6.45 11.53 -27.81
C ALA C 200 -7.56 10.88 -27.00
N GLU C 201 -7.19 9.98 -26.09
CA GLU C 201 -8.15 9.32 -25.24
C GLU C 201 -7.81 9.56 -23.79
N GLY C 202 -8.80 9.47 -22.93
CA GLY C 202 -8.55 9.65 -21.53
C GLY C 202 -8.60 8.26 -20.86
N VAL C 203 -7.89 8.05 -19.75
CA VAL C 203 -7.93 6.80 -19.04
C VAL C 203 -8.30 7.11 -17.64
N LEU C 204 -9.25 6.38 -17.09
CA LEU C 204 -9.75 6.68 -15.75
C LEU C 204 -9.10 5.98 -14.56
N HIS C 205 -9.30 6.50 -13.32
CA HIS C 205 -8.69 5.88 -12.16
C HIS C 205 -9.42 4.56 -12.10
N VAL C 206 -9.13 3.91 -10.98
CA VAL C 206 -9.58 2.61 -10.57
C VAL C 206 -9.75 1.46 -11.56
N TRP C 207 -10.66 1.57 -12.50
CA TRP C 207 -10.86 0.50 -13.50
C TRP C 207 -10.11 0.71 -14.78
N GLY C 208 -9.68 1.95 -14.99
CA GLY C 208 -8.90 2.24 -16.18
C GLY C 208 -9.62 2.13 -17.50
N VAL C 209 -10.84 2.69 -17.53
CA VAL C 209 -11.73 2.71 -18.68
C VAL C 209 -11.37 3.88 -19.55
N THR C 210 -11.25 3.66 -20.84
CA THR C 210 -10.88 4.76 -21.78
C THR C 210 -12.04 5.66 -22.18
N THR C 211 -11.82 6.95 -22.36
CA THR C 211 -12.89 7.81 -22.81
C THR C 211 -12.89 7.53 -24.33
N GLU C 212 -13.71 8.27 -25.08
CA GLU C 212 -13.78 8.06 -26.52
C GLU C 212 -12.60 8.72 -27.13
N LYS C 213 -12.07 8.16 -28.19
CA LYS C 213 -10.91 8.77 -28.80
C LYS C 213 -11.39 9.84 -29.75
N SER C 214 -11.03 11.08 -29.48
CA SER C 214 -11.37 12.21 -30.32
C SER C 214 -11.02 12.03 -31.81
N LYS C 215 -11.69 12.80 -32.66
CA LYS C 215 -11.48 12.71 -34.09
C LYS C 215 -10.21 13.47 -34.42
N GLU C 216 -9.42 12.90 -35.29
CA GLU C 216 -8.18 13.51 -35.71
C GLU C 216 -8.24 14.95 -36.22
N VAL C 217 -7.46 15.81 -35.58
CA VAL C 217 -7.34 17.21 -35.91
C VAL C 217 -5.94 17.45 -36.37
N CYS C 218 -5.69 17.31 -37.67
CA CYS C 218 -4.33 17.53 -38.21
C CYS C 218 -3.78 18.96 -38.35
N ILE C 219 -2.60 19.03 -38.99
CA ILE C 219 -1.86 20.27 -39.25
C ILE C 219 -0.69 19.91 -40.18
N THR C 220 -0.25 20.88 -40.94
CA THR C 220 0.80 20.66 -41.90
C THR C 220 1.85 21.80 -41.75
N ILE C 221 3.11 21.40 -41.84
CA ILE C 221 4.29 22.24 -41.67
C ILE C 221 5.18 22.35 -42.93
N PHE C 222 5.72 23.53 -43.20
CA PHE C 222 6.62 23.71 -44.34
C PHE C 222 7.77 24.61 -43.82
N ASN C 223 9.00 24.10 -43.71
CA ASN C 223 10.17 24.89 -43.17
C ASN C 223 11.50 24.43 -43.77
N SER C 224 12.61 25.16 -43.56
CA SER C 224 13.94 24.75 -44.08
C SER C 224 15.15 25.51 -43.47
N SER D 11 22.28 -17.58 59.36
CA SER D 11 21.97 -17.62 57.90
C SER D 11 22.98 -18.56 57.29
N VAL D 12 22.69 -19.18 56.14
CA VAL D 12 23.70 -20.09 55.56
C VAL D 12 24.12 -19.78 54.07
N PRO D 13 25.15 -20.46 53.48
CA PRO D 13 25.74 -20.31 52.13
C PRO D 13 25.22 -19.54 50.91
N THR D 14 24.17 -18.76 51.01
CA THR D 14 23.68 -17.98 49.88
C THR D 14 23.92 -16.47 50.10
N PRO D 15 24.28 -15.74 49.02
CA PRO D 15 24.53 -14.31 49.12
C PRO D 15 23.26 -13.61 49.61
N THR D 16 23.42 -12.48 50.27
CA THR D 16 22.25 -11.78 50.80
C THR D 16 22.19 -10.30 50.47
N ASN D 17 20.99 -9.75 50.51
CA ASN D 17 20.75 -8.35 50.21
C ASN D 17 21.38 -7.85 48.90
N VAL D 18 21.09 -8.55 47.78
CA VAL D 18 21.61 -8.16 46.48
C VAL D 18 21.03 -6.79 46.14
N THR D 19 21.81 -5.95 45.48
CA THR D 19 21.40 -4.60 45.19
C THR D 19 22.19 -4.02 44.06
N ILE D 20 21.50 -3.50 43.04
CA ILE D 20 22.21 -2.87 41.94
C ILE D 20 22.06 -1.40 42.24
N GLU D 21 22.98 -0.60 41.73
CA GLU D 21 22.93 0.84 41.98
C GLU D 21 23.63 1.48 40.82
N SER D 22 23.12 2.64 40.39
CA SER D 22 23.72 3.34 39.27
C SER D 22 23.84 4.86 39.40
N TYR D 23 24.87 5.39 38.78
CA TYR D 23 25.16 6.81 38.75
C TYR D 23 25.83 7.11 37.43
N ASN D 24 25.33 8.14 36.75
CA ASN D 24 25.82 8.52 35.44
C ASN D 24 25.88 7.31 34.51
N MET D 25 24.95 6.39 34.68
CA MET D 25 24.87 5.25 33.80
C MET D 25 26.01 4.24 33.78
N ASN D 26 26.08 3.48 34.86
CA ASN D 26 27.03 2.40 35.06
C ASN D 26 26.68 1.90 36.45
N PRO D 27 25.91 0.80 36.47
CA PRO D 27 25.47 0.16 37.69
C PRO D 27 26.46 -0.89 38.23
N ILE D 28 26.46 -1.06 39.55
CA ILE D 28 27.34 -2.03 40.21
C ILE D 28 26.44 -2.89 41.09
N VAL D 29 26.57 -4.22 41.00
CA VAL D 29 25.79 -5.15 41.82
C VAL D 29 26.48 -5.30 43.20
N TYR D 30 25.72 -5.24 44.28
CA TYR D 30 26.28 -5.35 45.61
C TYR D 30 25.55 -6.44 46.38
N TRP D 31 26.29 -7.22 47.18
CA TRP D 31 25.71 -8.31 47.97
C TRP D 31 26.52 -8.62 49.21
N GLU D 32 25.83 -8.97 50.29
CA GLU D 32 26.49 -9.31 51.54
C GLU D 32 26.84 -10.77 51.47
N TYR D 33 27.38 -11.28 52.58
CA TYR D 33 27.77 -12.68 52.78
C TYR D 33 28.36 -12.81 54.17
N GLN D 34 28.07 -13.93 54.83
CA GLN D 34 28.60 -14.15 56.17
C GLN D 34 30.08 -14.47 56.16
N ILE D 35 30.76 -14.00 57.20
CA ILE D 35 32.19 -14.27 57.38
C ILE D 35 32.35 -15.68 57.90
N MET D 36 33.50 -16.25 57.63
CA MET D 36 33.79 -17.60 58.05
C MET D 36 35.28 -17.81 57.77
N PRO D 37 35.90 -18.79 58.44
CA PRO D 37 37.31 -19.08 58.26
C PRO D 37 37.79 -19.28 56.82
N GLN D 38 36.89 -19.46 55.88
CA GLN D 38 37.29 -19.67 54.48
C GLN D 38 36.96 -18.49 53.56
N VAL D 39 37.87 -18.15 52.63
CA VAL D 39 37.58 -17.05 51.71
C VAL D 39 36.89 -17.65 50.46
N PRO D 40 35.62 -17.22 50.21
CA PRO D 40 34.84 -17.70 49.06
C PRO D 40 34.96 -16.78 47.87
N VAL D 41 34.62 -17.30 46.71
CA VAL D 41 34.60 -16.46 45.55
C VAL D 41 33.14 -16.28 45.17
N PHE D 42 32.86 -15.45 44.19
CA PHE D 42 31.50 -15.19 43.74
C PHE D 42 31.40 -15.00 42.24
N THR D 43 30.21 -15.26 41.72
CA THR D 43 29.94 -15.08 40.31
C THR D 43 28.58 -14.44 40.13
N VAL D 44 28.60 -13.25 39.53
CA VAL D 44 27.41 -12.47 39.25
C VAL D 44 27.05 -12.61 37.77
N GLU D 45 25.80 -12.97 37.52
CA GLU D 45 25.31 -13.16 36.16
C GLU D 45 24.16 -12.21 35.86
N VAL D 46 24.21 -11.56 34.69
CA VAL D 46 23.17 -10.62 34.27
C VAL D 46 22.32 -11.13 33.11
N LYS D 47 21.01 -10.94 33.22
CA LYS D 47 20.05 -11.30 32.17
C LYS D 47 19.22 -10.06 31.93
N ASN D 48 19.21 -9.59 30.71
CA ASN D 48 18.44 -8.39 30.41
C ASN D 48 17.37 -8.65 29.39
N TYR D 49 16.17 -8.19 29.73
CA TYR D 49 14.98 -8.33 28.90
C TYR D 49 15.27 -8.25 27.42
N GLY D 50 14.61 -9.13 26.68
CA GLY D 50 14.83 -9.15 25.26
C GLY D 50 16.04 -10.03 25.01
N VAL D 51 16.00 -11.21 25.62
CA VAL D 51 17.06 -12.19 25.50
C VAL D 51 16.69 -13.05 24.31
N LYS D 52 17.66 -13.33 23.42
CA LYS D 52 17.41 -14.17 22.25
C LYS D 52 16.73 -15.47 22.67
N ASN D 53 17.35 -16.16 23.63
CA ASN D 53 16.80 -17.41 24.14
C ASN D 53 16.47 -17.30 25.64
N SER D 54 17.35 -17.81 26.49
CA SER D 54 17.10 -17.75 27.92
C SER D 54 18.37 -17.84 28.77
N GLU D 55 19.52 -17.64 28.14
CA GLU D 55 20.76 -17.75 28.88
C GLU D 55 21.13 -16.49 29.63
N TRP D 56 21.79 -16.66 30.78
CA TRP D 56 22.26 -15.52 31.57
C TRP D 56 23.66 -15.20 31.11
N ILE D 57 24.25 -14.15 31.66
CA ILE D 57 25.60 -13.78 31.27
C ILE D 57 26.49 -13.57 32.48
N ASP D 58 27.74 -14.06 32.41
CA ASP D 58 28.69 -13.93 33.51
C ASP D 58 29.37 -12.57 33.45
N ALA D 59 29.08 -11.74 34.44
CA ALA D 59 29.63 -10.39 34.51
C ALA D 59 30.99 -10.36 35.18
N CYS D 60 31.09 -11.08 36.29
CA CYS D 60 32.31 -11.20 37.09
C CYS D 60 32.28 -12.63 37.62
N ILE D 61 33.29 -13.41 37.27
CA ILE D 61 33.27 -14.78 37.71
C ILE D 61 34.40 -15.15 38.66
N ASN D 62 34.05 -15.88 39.73
CA ASN D 62 34.97 -16.33 40.78
C ASN D 62 35.67 -15.17 41.49
N ILE D 63 34.93 -14.07 41.66
CA ILE D 63 35.46 -12.87 42.29
C ILE D 63 35.50 -13.00 43.82
N SER D 64 36.46 -12.34 44.46
CA SER D 64 36.55 -12.46 45.92
C SER D 64 35.86 -11.34 46.65
N HIS D 65 35.67 -10.18 46.00
CA HIS D 65 35.02 -9.01 46.62
C HIS D 65 33.51 -9.06 46.81
N HIS D 66 32.89 -7.91 47.06
CA HIS D 66 31.46 -7.90 47.28
C HIS D 66 30.75 -6.83 46.43
N TYR D 67 31.21 -6.65 45.19
CA TYR D 67 30.62 -5.68 44.28
C TYR D 67 30.93 -6.11 42.86
N CYS D 68 30.18 -5.59 41.88
CA CYS D 68 30.43 -5.92 40.47
C CYS D 68 29.91 -4.85 39.49
N ASN D 69 30.84 -4.26 38.73
CA ASN D 69 30.50 -3.24 37.74
C ASN D 69 30.07 -3.98 36.49
N ILE D 70 28.75 -3.98 36.26
CA ILE D 70 28.15 -4.66 35.12
C ILE D 70 27.99 -3.81 33.85
N SER D 71 28.66 -2.66 33.79
CA SER D 71 28.56 -1.78 32.62
C SER D 71 28.48 -2.44 31.27
N ASP D 72 29.12 -3.57 31.06
CA ASP D 72 28.98 -4.18 29.76
C ASP D 72 27.84 -5.19 29.61
N HIS D 73 26.72 -4.86 30.23
CA HIS D 73 25.50 -5.67 30.17
C HIS D 73 24.31 -4.71 30.18
N VAL D 74 24.64 -3.42 30.21
CA VAL D 74 23.65 -2.36 30.19
C VAL D 74 23.44 -1.98 28.73
N GLY D 75 22.47 -2.60 28.08
CA GLY D 75 22.18 -2.26 26.68
C GLY D 75 21.45 -0.92 26.64
N ASP D 76 20.25 -0.90 26.05
CA ASP D 76 19.47 0.33 26.01
C ASP D 76 19.18 0.60 27.47
N PRO D 77 19.61 1.75 27.98
CA PRO D 77 19.42 2.13 29.39
C PRO D 77 17.99 2.16 29.87
N SER D 78 17.05 1.63 29.10
CA SER D 78 15.65 1.63 29.53
C SER D 78 15.13 0.22 29.67
N ASN D 79 15.90 -0.74 29.16
CA ASN D 79 15.53 -2.16 29.21
C ASN D 79 15.91 -2.99 30.44
N SER D 80 14.96 -3.11 31.36
CA SER D 80 15.13 -3.87 32.58
C SER D 80 16.05 -5.07 32.49
N LEU D 81 16.85 -5.28 33.54
CA LEU D 81 17.78 -6.40 33.64
C LEU D 81 17.72 -6.91 35.04
N TRP D 82 18.02 -8.20 35.18
CA TRP D 82 18.04 -8.91 36.48
C TRP D 82 19.41 -9.58 36.56
N VAL D 83 20.03 -9.46 37.70
CA VAL D 83 21.33 -10.06 37.88
C VAL D 83 21.22 -11.00 39.06
N ARG D 84 21.97 -12.09 39.02
CA ARG D 84 21.97 -13.05 40.10
C ARG D 84 23.42 -13.30 40.48
N VAL D 85 23.64 -13.70 41.73
CA VAL D 85 24.99 -13.97 42.21
C VAL D 85 25.02 -15.22 43.07
N LYS D 86 26.19 -15.85 43.11
CA LYS D 86 26.43 -17.04 43.91
C LYS D 86 27.85 -17.04 44.44
N ALA D 87 28.17 -18.07 45.22
CA ALA D 87 29.49 -18.23 45.80
C ALA D 87 30.02 -19.62 45.49
N ARG D 88 31.28 -19.84 45.89
CA ARG D 88 31.98 -21.11 45.75
C ARG D 88 32.91 -21.16 46.96
N VAL D 89 32.75 -22.20 47.77
CA VAL D 89 33.56 -22.40 48.96
C VAL D 89 34.37 -23.65 48.64
N GLY D 90 35.61 -23.42 48.19
CA GLY D 90 36.47 -24.52 47.80
C GLY D 90 35.93 -25.04 46.47
N GLN D 91 34.95 -25.94 46.57
CA GLN D 91 34.28 -26.55 45.41
C GLN D 91 32.79 -26.72 45.74
N LYS D 92 32.32 -25.97 46.72
CA LYS D 92 30.92 -26.02 47.12
C LYS D 92 30.19 -24.72 46.81
N GLU D 93 29.69 -24.62 45.57
CA GLU D 93 28.93 -23.46 45.14
C GLU D 93 27.60 -23.50 45.85
N SER D 94 26.80 -22.49 45.66
CA SER D 94 25.51 -22.44 46.31
C SER D 94 24.44 -22.03 45.32
N ALA D 95 23.24 -21.88 45.86
CA ALA D 95 22.11 -21.43 45.10
C ALA D 95 22.31 -19.96 44.80
N TYR D 96 21.68 -19.47 43.73
CA TYR D 96 21.81 -18.09 43.33
C TYR D 96 20.95 -17.13 44.13
N ALA D 97 21.35 -15.85 44.09
CA ALA D 97 20.65 -14.77 44.76
C ALA D 97 20.12 -13.90 43.62
N LYS D 98 18.84 -13.54 43.65
CA LYS D 98 18.27 -12.75 42.57
C LYS D 98 18.00 -11.28 42.89
N SER D 99 18.48 -10.42 42.01
CA SER D 99 18.26 -9.00 42.16
C SER D 99 16.88 -8.82 41.61
N GLU D 100 16.21 -7.76 42.02
CA GLU D 100 14.91 -7.46 41.47
C GLU D 100 15.17 -6.87 40.07
N GLU D 101 14.13 -6.74 39.27
CA GLU D 101 14.27 -6.18 37.93
C GLU D 101 14.85 -4.79 38.11
N PHE D 102 15.89 -4.46 37.37
CA PHE D 102 16.52 -3.16 37.49
C PHE D 102 16.31 -2.52 36.17
N ALA D 103 16.14 -1.20 36.17
CA ALA D 103 15.97 -0.44 34.93
C ALA D 103 16.86 0.77 35.12
N VAL D 104 17.98 0.80 34.41
CA VAL D 104 18.91 1.92 34.55
C VAL D 104 18.26 3.29 34.61
N CYS D 105 17.45 3.62 33.61
CA CYS D 105 16.79 4.93 33.50
C CYS D 105 15.78 5.26 34.61
N ARG D 106 15.13 4.24 35.14
CA ARG D 106 14.10 4.46 36.17
C ARG D 106 14.74 4.56 37.46
N ASP D 107 15.62 3.55 37.65
CA ASP D 107 16.35 3.31 38.91
C ASP D 107 17.71 3.97 39.22
N GLY D 108 18.32 4.61 38.23
CA GLY D 108 19.60 5.26 38.48
C GLY D 108 19.48 6.74 38.79
N LYS D 109 20.64 7.39 38.87
CA LYS D 109 20.68 8.83 39.09
C LYS D 109 21.76 9.37 38.14
N ILE D 110 21.61 10.63 37.69
CA ILE D 110 22.56 11.20 36.73
C ILE D 110 23.14 12.53 37.14
N GLY D 111 24.34 12.78 36.61
CA GLY D 111 25.09 13.98 36.83
C GLY D 111 24.40 15.21 36.28
N PRO D 112 24.70 16.41 36.82
CA PRO D 112 24.07 17.64 36.36
C PRO D 112 24.46 18.04 34.93
N PRO D 113 23.75 19.00 34.35
CA PRO D 113 24.02 19.51 33.01
C PRO D 113 25.12 20.56 33.16
N LYS D 114 25.66 21.05 32.04
CA LYS D 114 26.74 22.03 32.15
C LYS D 114 26.33 23.43 31.71
N LEU D 115 26.22 24.32 32.70
CA LEU D 115 25.77 25.71 32.51
C LEU D 115 26.75 26.81 32.13
N ASP D 116 26.25 27.70 31.27
CA ASP D 116 26.99 28.85 30.75
C ASP D 116 26.16 30.10 30.59
N ILE D 117 26.49 31.10 31.37
CA ILE D 117 25.80 32.35 31.32
C ILE D 117 26.75 33.33 30.62
N ARG D 118 26.24 34.46 30.12
CA ARG D 118 27.06 35.47 29.40
C ARG D 118 26.26 36.73 29.17
N LYS D 119 26.54 37.47 28.09
CA LYS D 119 25.74 38.66 27.79
C LYS D 119 25.67 39.08 26.35
N GLU D 120 24.55 39.73 26.02
CA GLU D 120 24.25 40.28 24.69
C GLU D 120 23.31 41.43 24.99
N GLU D 121 23.66 42.64 24.55
CA GLU D 121 22.88 43.85 24.80
C GLU D 121 21.84 44.18 25.85
N LYS D 122 20.62 43.70 25.72
CA LYS D 122 19.60 43.69 26.78
C LYS D 122 19.27 42.28 27.29
N GLN D 123 20.02 41.28 26.83
CA GLN D 123 19.77 39.90 27.23
C GLN D 123 20.92 38.96 27.59
N ILE D 124 20.75 38.31 28.75
CA ILE D 124 21.68 37.32 29.30
C ILE D 124 21.36 36.05 28.53
N MET D 125 22.40 35.35 28.11
CA MET D 125 22.16 34.10 27.40
C MET D 125 22.59 32.92 28.28
N ILE D 126 21.80 31.86 28.27
CA ILE D 126 22.11 30.67 29.07
C ILE D 126 22.21 29.42 28.22
N ASP D 127 23.37 28.78 28.35
CA ASP D 127 23.67 27.56 27.62
C ASP D 127 23.73 26.34 28.55
N ILE D 128 22.82 25.42 28.30
CA ILE D 128 22.71 24.24 29.13
C ILE D 128 23.14 23.07 28.28
N PHE D 129 24.38 22.64 28.49
CA PHE D 129 24.95 21.52 27.76
C PHE D 129 24.44 20.27 28.45
N HIS D 130 23.79 19.42 27.67
CA HIS D 130 23.19 18.21 28.18
C HIS D 130 24.24 17.44 28.95
N PRO D 131 23.82 16.68 29.96
CA PRO D 131 24.75 15.87 30.77
C PRO D 131 25.67 14.98 29.92
N SER D 132 26.90 14.85 30.45
CA SER D 132 27.97 14.07 29.85
C SER D 132 27.51 12.83 29.14
N VAL D 133 26.84 11.95 29.88
CA VAL D 133 26.34 10.70 29.34
C VAL D 133 25.67 10.86 27.97
N PHE D 134 24.60 11.64 27.91
CA PHE D 134 23.85 11.84 26.66
C PHE D 134 24.74 12.43 25.58
N VAL D 135 25.48 13.48 25.96
CA VAL D 135 26.40 14.17 25.05
C VAL D 135 27.62 13.29 24.76
N ASN D 136 27.44 12.34 23.84
CA ASN D 136 28.54 11.43 23.50
C ASN D 136 28.71 11.16 22.01
N GLY D 137 27.65 10.72 21.35
CA GLY D 137 27.76 10.44 19.93
C GLY D 137 27.52 8.98 19.59
N ASP D 138 27.29 8.16 20.63
CA ASP D 138 27.00 6.74 20.50
C ASP D 138 28.04 5.82 19.83
N GLU D 139 29.30 6.24 19.81
CA GLU D 139 30.35 5.41 19.21
C GLU D 139 31.06 4.64 20.32
N GLN D 140 31.24 5.31 21.46
CA GLN D 140 31.86 4.71 22.63
C GLN D 140 30.74 4.30 23.61
N GLU D 141 31.09 3.40 24.54
CA GLU D 141 30.17 2.86 25.55
C GLU D 141 29.19 3.85 26.19
N THR D 148 16.54 5.07 22.35
CA THR D 148 16.10 4.96 23.78
C THR D 148 15.15 6.09 24.16
N THR D 149 14.16 5.78 24.99
CA THR D 149 13.21 6.76 25.45
C THR D 149 13.83 7.48 26.65
N CYS D 150 15.02 7.03 27.05
CA CYS D 150 15.77 7.58 28.18
C CYS D 150 16.53 8.85 27.80
N TYR D 151 15.84 9.98 27.81
CA TYR D 151 16.45 11.25 27.48
C TYR D 151 15.84 12.35 28.35
N ILE D 152 16.39 13.55 28.25
CA ILE D 152 15.91 14.69 29.02
C ILE D 152 14.73 15.29 28.30
N ARG D 153 13.61 15.51 29.00
CA ARG D 153 12.43 16.12 28.34
C ARG D 153 12.34 17.58 28.69
N VAL D 154 12.37 17.86 29.97
CA VAL D 154 12.32 19.23 30.39
C VAL D 154 13.50 19.62 31.29
N TYR D 155 14.18 20.72 30.97
CA TYR D 155 15.28 21.23 31.78
C TYR D 155 14.64 22.29 32.65
N ASN D 156 14.92 22.27 33.93
CA ASN D 156 14.38 23.26 34.85
C ASN D 156 15.42 24.30 35.18
N VAL D 157 15.42 25.40 34.43
CA VAL D 157 16.37 26.46 34.67
C VAL D 157 15.89 27.35 35.81
N TYR D 158 16.61 27.37 36.92
CA TYR D 158 16.24 28.24 38.03
C TYR D 158 17.10 29.47 37.81
N VAL D 159 16.56 30.66 38.08
CA VAL D 159 17.33 31.89 38.00
C VAL D 159 17.10 32.72 39.26
N ARG D 160 18.14 32.96 40.02
CA ARG D 160 17.95 33.69 41.22
C ARG D 160 18.55 35.06 41.00
N MET D 161 17.88 36.10 41.49
CA MET D 161 18.32 37.50 41.33
C MET D 161 17.80 38.21 42.57
N ASN D 162 18.46 39.25 43.02
CA ASN D 162 18.08 39.92 44.30
C ASN D 162 17.62 38.78 45.23
N GLY D 163 16.73 39.01 46.18
CA GLY D 163 16.29 37.81 46.89
C GLY D 163 15.06 37.11 46.33
N SER D 164 14.88 36.86 45.02
CA SER D 164 13.69 36.17 44.54
C SER D 164 14.01 35.09 43.52
N GLU D 165 13.42 33.88 43.57
CA GLU D 165 13.76 32.85 42.60
C GLU D 165 12.65 32.75 41.60
N ILE D 166 12.97 32.28 40.39
CA ILE D 166 11.91 32.02 39.40
C ILE D 166 12.41 30.88 38.49
N GLN D 167 11.56 29.89 38.21
CA GLN D 167 12.02 28.76 37.40
C GLN D 167 11.54 28.89 36.05
N TYR D 168 12.10 28.06 35.18
CA TYR D 168 11.68 28.03 33.77
C TYR D 168 11.67 26.60 33.33
N LYS D 169 10.62 26.18 32.65
CA LYS D 169 10.62 24.82 32.15
C LYS D 169 11.37 25.02 30.84
N ILE D 170 11.41 23.97 29.99
CA ILE D 170 12.06 24.02 28.65
C ILE D 170 11.95 22.65 28.06
N LEU D 171 11.24 22.51 26.95
CA LEU D 171 11.10 21.17 26.37
C LEU D 171 12.09 20.82 25.29
N THR D 172 13.14 20.10 25.67
CA THR D 172 14.22 19.69 24.74
C THR D 172 13.71 19.14 23.41
N GLN D 173 12.47 18.64 23.39
CA GLN D 173 11.89 18.09 22.18
C GLN D 173 11.08 19.12 21.40
N LYS D 174 9.84 19.35 21.81
CA LYS D 174 9.02 20.32 21.12
C LYS D 174 9.49 21.72 21.46
N GLU D 175 10.61 22.08 20.84
CA GLU D 175 11.25 23.38 21.05
C GLU D 175 12.56 23.31 20.25
N ASP D 176 12.92 24.40 19.58
CA ASP D 176 14.17 24.39 18.83
C ASP D 176 15.25 25.26 19.48
N ASP D 177 15.40 25.14 20.79
CA ASP D 177 16.43 25.85 21.53
C ASP D 177 17.51 24.82 21.83
N CYS D 178 17.06 23.58 22.02
CA CYS D 178 17.96 22.47 22.29
C CYS D 178 18.32 21.77 20.99
N ASP D 179 19.41 21.02 21.05
CA ASP D 179 19.89 20.23 19.93
C ASP D 179 20.74 19.17 20.60
N GLU D 180 21.23 18.21 19.82
CA GLU D 180 22.02 17.12 20.38
C GLU D 180 23.08 17.51 21.41
N ILE D 181 23.56 18.74 21.34
CA ILE D 181 24.59 19.20 22.26
C ILE D 181 24.04 20.06 23.39
N GLN D 182 23.48 21.22 23.07
CA GLN D 182 22.99 22.13 24.13
C GLN D 182 21.49 22.51 24.15
N CYS D 183 21.21 23.64 24.81
CA CYS D 183 19.89 24.24 24.93
C CYS D 183 20.14 25.72 25.18
N GLN D 184 19.17 26.56 24.81
CA GLN D 184 19.29 28.01 25.01
C GLN D 184 18.11 28.57 25.84
N LEU D 185 18.33 29.70 26.50
CA LEU D 185 17.29 30.40 27.26
C LEU D 185 17.72 31.83 27.59
N ALA D 186 17.33 32.76 26.70
CA ALA D 186 17.67 34.18 26.86
C ALA D 186 16.89 34.71 28.06
N ILE D 187 17.30 35.86 28.57
CA ILE D 187 16.60 36.43 29.69
C ILE D 187 16.69 37.94 29.60
N PRO D 188 15.60 38.65 29.90
CA PRO D 188 15.68 40.11 29.85
C PRO D 188 16.38 40.58 31.12
N VAL D 189 17.23 41.61 31.02
CA VAL D 189 17.92 42.13 32.19
C VAL D 189 16.89 42.71 33.16
N SER D 190 16.36 41.82 34.00
CA SER D 190 15.30 42.08 34.99
C SER D 190 15.55 42.96 36.23
N SER D 191 14.41 43.36 36.82
CA SER D 191 14.31 44.17 38.03
C SER D 191 15.54 44.92 38.56
N LEU D 192 15.99 45.91 37.78
CA LEU D 192 17.14 46.79 38.10
C LEU D 192 18.40 46.10 38.66
N ASN D 193 18.29 44.81 38.94
CA ASN D 193 19.36 44.05 39.57
C ASN D 193 20.18 43.16 38.66
N SER D 194 21.49 43.23 38.84
CA SER D 194 22.38 42.35 38.16
C SER D 194 22.86 41.46 39.30
N GLN D 195 23.55 40.39 38.92
CA GLN D 195 24.02 39.30 39.77
C GLN D 195 22.92 38.23 39.79
N TYR D 196 22.74 37.67 38.60
CA TYR D 196 21.79 36.61 38.35
C TYR D 196 22.50 35.32 38.61
N CYS D 197 21.80 34.33 39.16
CA CYS D 197 22.42 33.04 39.44
C CYS D 197 21.66 31.89 38.81
N VAL D 198 22.27 31.22 37.86
CA VAL D 198 21.63 30.12 37.17
C VAL D 198 22.07 28.73 37.67
N SER D 199 21.13 27.79 37.69
CA SER D 199 21.32 26.39 38.11
C SER D 199 20.27 25.62 37.27
N ALA D 200 20.48 24.34 37.03
CA ALA D 200 19.58 23.63 36.16
C ALA D 200 19.60 22.10 36.34
N GLU D 201 18.40 21.50 36.32
CA GLU D 201 18.19 20.05 36.44
C GLU D 201 17.47 19.49 35.23
N GLY D 202 17.70 18.24 34.93
CA GLY D 202 17.08 17.65 33.79
C GLY D 202 16.01 16.76 34.36
N VAL D 203 15.02 16.41 33.55
CA VAL D 203 13.96 15.51 33.96
C VAL D 203 13.87 14.48 32.81
N LEU D 204 13.62 13.21 33.11
CA LEU D 204 13.69 12.22 32.04
C LEU D 204 12.41 11.66 31.42
N HIS D 205 12.54 11.21 30.15
CA HIS D 205 11.40 10.60 29.49
C HIS D 205 11.05 9.25 30.14
N VAL D 206 9.86 9.28 30.66
CA VAL D 206 9.00 8.22 31.25
C VAL D 206 8.80 8.19 32.80
N TRP D 207 9.88 8.06 33.56
CA TRP D 207 9.87 8.00 35.06
C TRP D 207 10.00 9.34 35.77
N GLY D 208 10.36 10.34 34.96
CA GLY D 208 10.48 11.69 35.50
C GLY D 208 11.53 11.85 36.58
N VAL D 209 12.67 11.21 36.37
CA VAL D 209 13.76 11.26 37.33
C VAL D 209 14.55 12.52 37.03
N THR D 210 14.80 13.33 38.05
CA THR D 210 15.60 14.52 37.84
C THR D 210 17.11 14.14 37.76
N THR D 211 17.90 14.98 37.08
CA THR D 211 19.35 14.77 37.01
C THR D 211 19.82 15.58 38.22
N GLU D 212 21.14 15.66 38.40
CA GLU D 212 21.64 16.42 39.50
C GLU D 212 21.54 17.88 39.13
N LYS D 213 21.14 18.72 40.07
CA LYS D 213 21.06 20.15 39.79
C LYS D 213 22.49 20.75 39.82
N SER D 214 22.94 21.29 38.69
CA SER D 214 24.28 21.89 38.57
C SER D 214 24.51 22.95 39.62
N LYS D 215 25.77 23.28 39.87
CA LYS D 215 26.05 24.33 40.83
C LYS D 215 25.93 25.68 40.06
N GLU D 216 25.56 26.71 40.82
CA GLU D 216 25.35 27.99 40.23
C GLU D 216 26.50 28.64 39.54
N VAL D 217 26.22 29.15 38.36
CA VAL D 217 27.17 29.90 37.57
C VAL D 217 26.54 31.28 37.45
N CYS D 218 26.61 32.09 38.52
CA CYS D 218 26.05 33.42 38.49
C CYS D 218 26.69 34.33 37.42
N ILE D 219 26.18 35.55 37.35
CA ILE D 219 26.66 36.56 36.40
C ILE D 219 26.60 37.98 37.02
N THR D 220 27.42 38.86 36.48
CA THR D 220 27.57 40.25 36.90
C THR D 220 27.88 40.52 38.40
N ILE D 221 27.37 41.62 38.95
CA ILE D 221 27.67 42.11 40.29
C ILE D 221 27.85 41.25 41.55
N PRO E 13 -14.38 -24.77 -61.95
CA PRO E 13 -13.65 -26.06 -61.84
C PRO E 13 -12.96 -26.42 -60.48
N THR E 14 -11.65 -26.17 -60.38
CA THR E 14 -10.88 -26.41 -59.15
C THR E 14 -10.45 -25.08 -58.53
N PRO E 15 -10.41 -25.00 -57.19
CA PRO E 15 -10.01 -23.78 -56.48
C PRO E 15 -8.55 -23.47 -56.87
N THR E 16 -8.21 -22.18 -56.88
CA THR E 16 -6.88 -21.75 -57.28
C THR E 16 -6.17 -20.82 -56.33
N ASN E 17 -4.84 -20.84 -56.40
CA ASN E 17 -3.98 -20.00 -55.57
C ASN E 17 -4.30 -20.05 -54.08
N VAL E 18 -4.30 -21.28 -53.55
CA VAL E 18 -4.55 -21.51 -52.12
C VAL E 18 -3.40 -20.88 -51.35
N THR E 19 -3.73 -20.31 -50.21
CA THR E 19 -2.74 -19.61 -49.42
C THR E 19 -3.14 -19.50 -47.97
N ILE E 20 -2.27 -20.00 -47.09
CA ILE E 20 -2.54 -19.87 -45.67
C ILE E 20 -1.75 -18.63 -45.25
N GLU E 21 -2.25 -17.94 -44.24
CA GLU E 21 -1.62 -16.74 -43.72
C GLU E 21 -1.90 -16.66 -42.24
N SER E 22 -0.92 -16.23 -41.46
CA SER E 22 -1.12 -16.11 -40.02
C SER E 22 -0.56 -14.83 -39.42
N TYR E 23 -1.26 -14.37 -38.39
CA TYR E 23 -0.89 -13.19 -37.62
C TYR E 23 -1.28 -13.47 -36.17
N ASN E 24 -0.34 -13.20 -35.28
CA ASN E 24 -0.50 -13.44 -33.86
C ASN E 24 -1.06 -14.82 -33.52
N MET E 25 -0.60 -15.81 -34.27
CA MET E 25 -0.99 -17.20 -34.08
C MET E 25 -2.44 -17.62 -34.33
N ASN E 26 -2.84 -17.49 -35.59
CA ASN E 26 -4.16 -17.90 -36.06
C ASN E 26 -4.13 -17.64 -37.55
N PRO E 27 -4.07 -18.74 -38.33
CA PRO E 27 -4.03 -18.75 -39.79
C PRO E 27 -5.39 -18.98 -40.46
N ILE E 28 -5.52 -18.37 -41.63
CA ILE E 28 -6.73 -18.45 -42.43
C ILE E 28 -6.33 -18.87 -43.85
N VAL E 29 -7.03 -19.90 -44.34
CA VAL E 29 -6.78 -20.41 -45.68
C VAL E 29 -7.54 -19.53 -46.70
N TYR E 30 -6.85 -19.20 -47.78
CA TYR E 30 -7.39 -18.35 -48.82
C TYR E 30 -7.27 -19.04 -50.18
N TRP E 31 -8.31 -18.89 -51.01
CA TRP E 31 -8.30 -19.49 -52.34
C TRP E 31 -9.24 -18.74 -53.29
N GLU E 32 -8.84 -18.72 -54.56
CA GLU E 32 -9.58 -18.09 -55.63
C GLU E 32 -10.54 -19.10 -56.22
N TYR E 33 -11.36 -18.64 -57.15
CA TYR E 33 -12.33 -19.47 -57.86
C TYR E 33 -13.01 -18.60 -58.90
N GLN E 34 -13.19 -19.15 -60.10
CA GLN E 34 -13.82 -18.44 -61.19
C GLN E 34 -15.30 -18.20 -60.95
N ILE E 35 -15.76 -17.05 -61.43
CA ILE E 35 -17.16 -16.70 -61.31
C ILE E 35 -17.93 -17.44 -62.38
N MET E 36 -19.21 -17.66 -62.12
CA MET E 36 -20.11 -18.36 -63.02
C MET E 36 -21.52 -18.15 -62.44
N PRO E 37 -22.54 -18.29 -63.29
CA PRO E 37 -23.94 -18.12 -62.90
C PRO E 37 -24.38 -18.87 -61.63
N GLN E 38 -23.58 -19.86 -61.23
CA GLN E 38 -23.91 -20.66 -60.04
C GLN E 38 -23.03 -20.35 -58.83
N VAL E 39 -23.63 -20.33 -57.65
CA VAL E 39 -22.87 -20.09 -56.42
C VAL E 39 -22.49 -21.46 -55.87
N PRO E 40 -21.17 -21.74 -55.81
CA PRO E 40 -20.64 -23.01 -55.30
C PRO E 40 -20.26 -22.87 -53.83
N VAL E 41 -20.12 -24.02 -53.17
CA VAL E 41 -19.72 -24.01 -51.78
C VAL E 41 -18.32 -24.62 -51.78
N PHE E 42 -17.66 -24.58 -50.63
CA PHE E 42 -16.30 -25.09 -50.51
C PHE E 42 -16.04 -25.78 -49.18
N THR E 43 -15.09 -26.70 -49.23
CA THR E 43 -14.69 -27.44 -48.04
C THR E 43 -13.17 -27.51 -47.97
N VAL E 44 -12.65 -26.93 -46.87
CA VAL E 44 -11.22 -26.88 -46.59
C VAL E 44 -10.90 -27.95 -45.53
N GLU E 45 -9.90 -28.78 -45.82
CA GLU E 45 -9.47 -29.84 -44.92
C GLU E 45 -7.99 -29.71 -44.52
N VAL E 46 -7.73 -29.79 -43.22
CA VAL E 46 -6.37 -29.67 -42.70
C VAL E 46 -5.80 -30.98 -42.19
N LYS E 47 -4.54 -31.21 -42.55
CA LYS E 47 -3.76 -32.37 -42.12
C LYS E 47 -2.46 -31.78 -41.59
N ASN E 48 -2.19 -32.06 -40.33
CA ASN E 48 -0.99 -31.56 -39.66
C ASN E 48 -0.06 -32.69 -39.27
N TYR E 49 1.20 -32.54 -39.66
CA TYR E 49 2.23 -33.54 -39.38
C TYR E 49 2.05 -34.22 -38.04
N GLY E 50 2.31 -35.53 -38.02
CA GLY E 50 2.13 -36.28 -36.78
C GLY E 50 0.67 -36.65 -36.66
N VAL E 51 0.15 -37.25 -37.73
CA VAL E 51 -1.23 -37.70 -37.78
C VAL E 51 -1.21 -39.15 -37.29
N LYS E 52 -2.17 -39.51 -36.46
CA LYS E 52 -2.24 -40.86 -35.94
C LYS E 52 -2.15 -41.89 -37.07
N ASN E 53 -3.01 -41.72 -38.06
CA ASN E 53 -3.08 -42.60 -39.22
C ASN E 53 -2.80 -41.77 -40.48
N SER E 54 -3.87 -41.35 -41.15
CA SER E 54 -3.74 -40.56 -42.37
C SER E 54 -5.05 -39.87 -42.79
N GLU E 55 -5.85 -39.47 -41.82
CA GLU E 55 -7.06 -38.79 -42.18
C GLU E 55 -6.89 -37.26 -42.11
N TRP E 56 -7.60 -36.58 -43.01
CA TRP E 56 -7.58 -35.11 -43.04
C TRP E 56 -8.68 -34.65 -42.10
N ILE E 57 -8.82 -33.34 -41.95
CA ILE E 57 -9.83 -32.80 -41.07
C ILE E 57 -10.58 -31.65 -41.71
N ASP E 58 -11.90 -31.69 -41.60
CA ASP E 58 -12.74 -30.65 -42.18
C ASP E 58 -12.73 -29.41 -41.26
N ALA E 59 -12.16 -28.33 -41.79
CA ALA E 59 -12.06 -27.06 -41.08
C ALA E 59 -13.32 -26.23 -41.29
N CYS E 60 -13.74 -26.16 -42.53
CA CYS E 60 -14.91 -25.39 -42.94
C CYS E 60 -15.55 -26.20 -44.06
N ILE E 61 -16.77 -26.66 -43.83
CA ILE E 61 -17.43 -27.48 -44.83
C ILE E 61 -18.67 -26.84 -45.44
N ASN E 62 -18.74 -26.93 -46.76
CA ASN E 62 -19.84 -26.37 -47.57
C ASN E 62 -20.00 -24.86 -47.40
N ILE E 63 -18.85 -24.19 -47.30
CA ILE E 63 -18.79 -22.75 -47.14
C ILE E 63 -18.93 -22.01 -48.47
N SER E 64 -19.55 -20.84 -48.43
CA SER E 64 -19.76 -20.04 -49.64
C SER E 64 -18.64 -19.00 -49.90
N HIS E 65 -17.97 -18.55 -48.85
CA HIS E 65 -16.90 -17.56 -49.00
C HIS E 65 -15.60 -18.11 -49.58
N HIS E 66 -14.52 -17.32 -49.46
CA HIS E 66 -13.20 -17.70 -49.99
C HIS E 66 -12.05 -17.56 -48.99
N TYR E 67 -12.32 -17.92 -47.74
CA TYR E 67 -11.32 -17.82 -46.67
C TYR E 67 -11.72 -18.84 -45.61
N CYS E 68 -10.80 -19.21 -44.73
CA CYS E 68 -11.12 -20.17 -43.68
C CYS E 68 -10.21 -20.08 -42.45
N ASN E 69 -10.79 -19.73 -41.30
CA ASN E 69 -10.03 -19.65 -40.05
C ASN E 69 -9.86 -21.06 -39.47
N ILE E 70 -8.68 -21.63 -39.68
CA ILE E 70 -8.35 -22.99 -39.22
C ILE E 70 -7.75 -23.08 -37.82
N SER E 71 -7.93 -22.03 -37.03
CA SER E 71 -7.39 -21.95 -35.67
C SER E 71 -7.47 -23.24 -34.86
N ASP E 72 -8.53 -24.02 -35.02
CA ASP E 72 -8.58 -25.25 -34.26
C ASP E 72 -7.98 -26.48 -34.92
N HIS E 73 -6.87 -26.27 -35.61
CA HIS E 73 -6.13 -27.33 -36.29
C HIS E 73 -4.66 -27.02 -36.14
N VAL E 74 -4.41 -25.88 -35.48
CA VAL E 74 -3.07 -25.41 -35.20
C VAL E 74 -2.65 -26.00 -33.85
N GLY E 75 -2.02 -27.18 -33.89
CA GLY E 75 -1.55 -27.81 -32.68
C GLY E 75 -0.29 -27.07 -32.23
N ASP E 76 0.83 -27.78 -32.09
CA ASP E 76 2.08 -27.12 -31.69
C ASP E 76 2.36 -26.18 -32.84
N PRO E 77 2.48 -24.86 -32.56
CA PRO E 77 2.74 -23.84 -33.58
C PRO E 77 4.08 -24.00 -34.29
N SER E 78 4.65 -25.21 -34.27
CA SER E 78 5.92 -25.47 -34.95
C SER E 78 5.79 -26.66 -35.89
N ASN E 79 4.70 -27.39 -35.73
CA ASN E 79 4.43 -28.59 -36.53
C ASN E 79 3.67 -28.42 -37.85
N SER E 80 4.42 -28.44 -38.95
CA SER E 80 3.89 -28.28 -40.31
C SER E 80 2.54 -28.95 -40.60
N LEU E 81 1.68 -28.19 -41.28
CA LEU E 81 0.36 -28.65 -41.68
C LEU E 81 0.15 -28.30 -43.14
N TRP E 82 -0.74 -29.05 -43.76
CA TRP E 82 -1.12 -28.87 -45.17
C TRP E 82 -2.65 -28.85 -45.18
N VAL E 83 -3.23 -27.89 -45.89
CA VAL E 83 -4.67 -27.81 -45.98
C VAL E 83 -5.03 -27.91 -47.46
N ARG E 84 -6.18 -28.53 -47.74
CA ARG E 84 -6.65 -28.69 -49.11
C ARG E 84 -8.08 -28.18 -49.15
N VAL E 85 -8.51 -27.71 -50.31
CA VAL E 85 -9.87 -27.19 -50.46
C VAL E 85 -10.49 -27.62 -51.77
N LYS E 86 -11.82 -27.68 -51.77
CA LYS E 86 -12.58 -28.05 -52.94
C LYS E 86 -13.87 -27.25 -52.95
N ALA E 87 -14.70 -27.56 -53.96
CA ALA E 87 -15.99 -26.92 -54.14
C ALA E 87 -17.04 -27.98 -54.45
N ARG E 88 -18.24 -27.47 -54.71
CA ARG E 88 -19.40 -28.29 -55.03
C ARG E 88 -20.31 -27.36 -55.80
N VAL E 89 -20.65 -27.76 -57.02
CA VAL E 89 -21.53 -26.97 -57.88
C VAL E 89 -22.79 -27.81 -57.96
N GLY E 90 -23.79 -27.43 -57.18
CA GLY E 90 -25.03 -28.19 -57.14
C GLY E 90 -24.73 -29.50 -56.43
N GLN E 91 -24.24 -30.46 -57.21
CA GLN E 91 -23.84 -31.79 -56.74
C GLN E 91 -22.59 -32.23 -57.50
N LYS E 92 -21.85 -31.25 -58.01
CA LYS E 92 -20.63 -31.51 -58.76
C LYS E 92 -19.42 -30.95 -58.03
N GLU E 93 -18.86 -31.74 -57.13
CA GLU E 93 -17.65 -31.34 -56.40
C GLU E 93 -16.47 -31.46 -57.35
N SER E 94 -15.33 -31.16 -56.86
CA SER E 94 -14.16 -31.24 -57.69
C SER E 94 -13.08 -32.12 -57.05
N ALA E 95 -12.31 -32.78 -57.92
CA ALA E 95 -11.24 -33.71 -57.57
C ALA E 95 -10.02 -33.13 -56.83
N SER E 99 9.51 -28.62 -48.93
CA SER E 99 8.30 -28.19 -48.15
C SER E 99 8.77 -27.16 -47.18
N GLU E 100 8.53 -25.90 -47.48
CA GLU E 100 9.00 -24.90 -46.55
C GLU E 100 8.31 -25.16 -45.22
N GLU E 101 9.06 -25.65 -44.24
CA GLU E 101 8.48 -25.81 -42.91
C GLU E 101 8.47 -24.35 -42.48
N PHE E 102 7.47 -23.99 -41.73
CA PHE E 102 7.35 -22.64 -41.27
C PHE E 102 6.38 -22.75 -40.12
N ALA E 103 6.92 -22.57 -38.94
CA ALA E 103 6.16 -22.67 -37.71
C ALA E 103 5.47 -21.37 -37.33
N VAL E 104 4.25 -21.54 -36.82
CA VAL E 104 3.39 -20.46 -36.34
C VAL E 104 4.14 -19.65 -35.28
N CYS E 105 4.91 -20.34 -34.43
CA CYS E 105 5.67 -19.71 -33.37
C CYS E 105 7.09 -19.36 -33.82
N ARG E 106 7.68 -20.27 -34.58
CA ARG E 106 9.06 -20.09 -35.02
C ARG E 106 9.31 -18.97 -36.01
N ASP E 107 8.56 -18.95 -37.11
CA ASP E 107 8.80 -17.95 -38.14
C ASP E 107 7.92 -16.70 -38.12
N GLY E 108 8.02 -15.94 -39.22
CA GLY E 108 7.22 -14.74 -39.39
C GLY E 108 7.28 -13.75 -38.24
N LYS E 109 6.12 -13.19 -37.92
CA LYS E 109 6.05 -12.20 -36.84
C LYS E 109 4.85 -12.31 -35.91
N ILE E 110 5.14 -12.28 -34.60
CA ILE E 110 4.12 -12.26 -33.56
C ILE E 110 4.22 -10.79 -33.14
N GLY E 111 3.08 -10.15 -32.94
CA GLY E 111 3.09 -8.75 -32.56
C GLY E 111 4.11 -8.33 -31.50
N PRO E 112 4.24 -7.02 -31.29
CA PRO E 112 5.16 -6.46 -30.31
C PRO E 112 4.59 -6.56 -28.89
N PRO E 113 5.43 -6.38 -27.87
CA PRO E 113 4.99 -6.43 -26.48
C PRO E 113 4.11 -5.20 -26.19
N LYS E 114 3.79 -4.94 -24.94
CA LYS E 114 2.97 -3.79 -24.61
C LYS E 114 3.63 -2.85 -23.63
N LEU E 115 4.16 -1.75 -24.13
CA LEU E 115 4.86 -0.77 -23.31
C LEU E 115 4.09 0.24 -22.47
N ASP E 116 4.70 0.62 -21.34
CA ASP E 116 4.11 1.61 -20.45
C ASP E 116 5.22 2.35 -19.78
N ILE E 117 5.10 3.65 -19.65
CA ILE E 117 6.15 4.46 -19.04
C ILE E 117 5.50 5.33 -17.96
N ARG E 118 6.27 5.76 -16.95
CA ARG E 118 5.71 6.58 -15.87
C ARG E 118 6.84 7.25 -15.13
N LYS E 119 6.64 7.56 -13.85
CA LYS E 119 7.70 8.21 -13.08
C LYS E 119 7.65 7.99 -11.58
N GLU E 120 8.84 7.97 -11.00
CA GLU E 120 9.04 7.84 -9.56
C GLU E 120 10.30 8.68 -9.45
N GLU E 121 10.42 9.53 -8.42
CA GLU E 121 11.60 10.39 -8.26
C GLU E 121 12.91 9.82 -8.82
N LYS E 122 13.60 10.69 -9.53
CA LYS E 122 14.86 10.45 -10.24
C LYS E 122 14.89 9.26 -11.21
N GLN E 123 13.84 8.43 -11.24
CA GLN E 123 13.83 7.32 -12.16
C GLN E 123 12.54 6.97 -12.92
N ILE E 124 12.70 6.90 -14.24
CA ILE E 124 11.64 6.53 -15.18
C ILE E 124 11.49 5.01 -15.11
N MET E 125 10.28 4.51 -15.01
CA MET E 125 10.09 3.07 -14.94
C MET E 125 9.45 2.59 -16.24
N ILE E 126 9.93 1.48 -16.77
CA ILE E 126 9.37 0.94 -17.99
C ILE E 126 8.88 -0.48 -17.79
N ASP E 127 7.61 -0.70 -18.07
CA ASP E 127 7.04 -2.03 -17.92
C ASP E 127 6.93 -2.53 -19.36
N ILE E 128 7.21 -3.81 -19.60
CA ILE E 128 7.13 -4.37 -20.94
C ILE E 128 6.33 -5.63 -20.77
N PHE E 129 5.01 -5.53 -20.94
CA PHE E 129 4.15 -6.68 -20.79
C PHE E 129 4.46 -7.58 -21.98
N HIS E 130 4.69 -8.87 -21.71
CA HIS E 130 5.00 -9.83 -22.74
C HIS E 130 3.84 -9.93 -23.75
N PRO E 131 4.13 -10.28 -25.01
CA PRO E 131 3.06 -10.39 -26.01
C PRO E 131 2.04 -11.33 -25.40
N SER E 132 0.74 -11.00 -25.51
CA SER E 132 -0.37 -11.75 -24.87
C SER E 132 -0.61 -13.26 -25.14
N PRO E 146 2.88 -25.36 -21.52
CA PRO E 146 3.99 -24.92 -20.66
C PRO E 146 5.30 -25.62 -20.98
N GLU E 147 6.37 -25.11 -20.36
CA GLU E 147 7.73 -25.62 -20.52
C GLU E 147 8.28 -25.76 -21.95
N THR E 148 7.94 -24.80 -22.81
CA THR E 148 8.44 -24.83 -24.18
C THR E 148 9.65 -23.92 -24.29
N THR E 149 10.42 -24.12 -25.34
CA THR E 149 11.61 -23.33 -25.61
C THR E 149 11.21 -22.08 -26.42
N CYS E 150 10.01 -22.10 -27.00
CA CYS E 150 9.50 -20.97 -27.79
C CYS E 150 9.01 -19.85 -26.86
N TYR E 151 9.96 -19.09 -26.33
CA TYR E 151 9.65 -17.98 -25.43
C TYR E 151 10.62 -16.80 -25.72
N ILE E 152 10.39 -15.67 -25.03
CA ILE E 152 11.24 -14.49 -25.21
C ILE E 152 12.47 -14.62 -24.30
N ARG E 153 13.67 -14.55 -24.85
CA ARG E 153 14.85 -14.64 -24.00
C ARG E 153 15.35 -13.23 -23.63
N VAL E 154 15.54 -12.41 -24.65
CA VAL E 154 16.00 -11.06 -24.41
C VAL E 154 15.11 -10.00 -25.01
N TYR E 155 14.69 -9.05 -24.19
CA TYR E 155 13.87 -7.95 -24.68
C TYR E 155 14.85 -6.81 -24.98
N ASN E 156 14.74 -6.22 -26.18
CA ASN E 156 15.59 -5.11 -26.55
C ASN E 156 14.81 -3.82 -26.31
N VAL E 157 15.06 -3.18 -25.16
CA VAL E 157 14.48 -1.90 -24.89
C VAL E 157 15.38 -0.78 -25.50
N TYR E 158 14.83 0.02 -26.41
CA TYR E 158 15.55 1.13 -27.03
C TYR E 158 14.99 2.35 -26.37
N VAL E 159 15.82 3.32 -26.08
CA VAL E 159 15.33 4.54 -25.44
C VAL E 159 15.90 5.66 -26.24
N ARG E 160 15.05 6.56 -26.70
CA ARG E 160 15.49 7.68 -27.49
C ARG E 160 15.23 8.99 -26.73
N MET E 161 16.09 9.97 -26.97
CA MET E 161 16.00 11.30 -26.37
C MET E 161 16.78 12.29 -27.24
N ASN E 162 16.93 13.52 -26.77
CA ASN E 162 17.64 14.62 -27.47
C ASN E 162 18.53 14.25 -28.68
N GLY E 163 19.56 13.47 -28.43
CA GLY E 163 20.42 13.10 -29.53
C GLY E 163 21.06 11.78 -29.18
N SER E 164 20.25 10.74 -28.94
CA SER E 164 20.83 9.46 -28.61
C SER E 164 19.88 8.31 -28.48
N GLU E 165 19.94 7.36 -29.40
CA GLU E 165 19.13 6.14 -29.25
C GLU E 165 20.08 5.37 -28.32
N ILE E 166 19.58 4.61 -27.37
CA ILE E 166 20.43 3.86 -26.44
C ILE E 166 19.68 2.61 -26.02
N GLN E 167 20.17 1.46 -26.48
CA GLN E 167 19.57 0.16 -26.20
C GLN E 167 19.77 -0.37 -24.75
N TYR E 168 19.10 -1.48 -24.43
CA TYR E 168 19.21 -2.13 -23.14
C TYR E 168 18.83 -3.59 -23.38
N LYS E 169 19.56 -4.53 -22.78
CA LYS E 169 19.25 -5.96 -22.95
C LYS E 169 18.51 -6.35 -21.69
N ILE E 170 17.47 -7.19 -21.82
CA ILE E 170 16.73 -7.69 -20.67
C ILE E 170 16.67 -9.18 -20.86
N LEU E 171 17.02 -9.94 -19.82
CA LEU E 171 17.00 -11.40 -19.92
C LEU E 171 15.84 -11.92 -19.12
N THR E 172 14.73 -12.14 -19.80
CA THR E 172 13.50 -12.63 -19.19
C THR E 172 13.73 -13.79 -18.23
N GLN E 173 14.77 -14.58 -18.48
CA GLN E 173 15.09 -15.73 -17.66
C GLN E 173 16.06 -15.37 -16.53
N LYS E 174 17.36 -15.44 -16.80
CA LYS E 174 18.35 -15.11 -15.76
C LYS E 174 18.31 -13.63 -15.44
N GLU E 175 17.26 -13.27 -14.70
CA GLU E 175 17.00 -11.91 -14.28
C GLU E 175 15.64 -11.98 -13.59
N ASP E 176 15.49 -11.23 -12.50
CA ASP E 176 14.21 -11.22 -11.81
C ASP E 176 13.52 -9.88 -11.95
N ASP E 177 13.44 -9.40 -13.18
CA ASP E 177 12.73 -8.17 -13.48
C ASP E 177 11.47 -8.65 -14.19
N CYS E 178 11.64 -9.72 -14.95
CA CYS E 178 10.54 -10.31 -15.68
C CYS E 178 9.86 -11.36 -14.81
N ASP E 179 8.63 -11.71 -15.20
CA ASP E 179 7.82 -12.72 -14.54
C ASP E 179 6.83 -13.11 -15.61
N GLU E 180 5.97 -14.08 -15.32
CA GLU E 180 4.97 -14.55 -16.30
C GLU E 180 4.15 -13.47 -17.02
N ILE E 181 4.02 -12.29 -16.41
CA ILE E 181 3.26 -11.20 -17.03
C ILE E 181 4.13 -10.10 -17.69
N GLN E 182 4.96 -9.41 -16.89
CA GLN E 182 5.78 -8.33 -17.38
C GLN E 182 7.30 -8.43 -17.31
N CYS E 183 7.95 -7.27 -17.27
CA CYS E 183 9.40 -7.05 -17.17
C CYS E 183 9.57 -5.60 -16.77
N GLN E 184 10.65 -5.27 -16.10
CA GLN E 184 10.86 -3.89 -15.65
C GLN E 184 12.20 -3.40 -16.16
N LEU E 185 12.41 -2.09 -16.09
CA LEU E 185 13.67 -1.46 -16.47
C LEU E 185 13.65 -0.01 -16.10
N ALA E 186 14.20 0.33 -14.93
CA ALA E 186 14.26 1.73 -14.46
C ALA E 186 15.38 2.43 -15.23
N ILE E 187 15.34 3.74 -15.24
CA ILE E 187 16.33 4.51 -15.96
C ILE E 187 16.56 5.79 -15.18
N PRO E 188 17.80 6.27 -15.14
CA PRO E 188 18.07 7.51 -14.41
C PRO E 188 17.67 8.65 -15.33
N VAL E 189 17.09 9.71 -14.77
CA VAL E 189 16.68 10.87 -15.56
C VAL E 189 17.95 11.46 -16.20
N SER E 190 18.30 10.95 -17.39
CA SER E 190 19.50 11.31 -18.17
C SER E 190 19.68 12.60 -18.99
N SER E 191 20.94 13.07 -19.05
CA SER E 191 21.36 14.22 -19.87
C SER E 191 20.39 15.38 -20.15
N LEU E 192 19.87 16.01 -19.11
CA LEU E 192 18.96 17.15 -19.24
C LEU E 192 18.13 17.21 -20.53
N ASN E 193 17.46 16.10 -20.86
CA ASN E 193 16.60 16.05 -22.05
C ASN E 193 15.17 16.29 -21.57
N SER E 194 14.21 16.23 -22.48
CA SER E 194 12.81 16.41 -22.10
C SER E 194 12.03 15.16 -22.47
N GLN E 195 11.84 14.94 -23.78
CA GLN E 195 11.13 13.79 -24.29
C GLN E 195 11.98 12.52 -24.45
N TYR E 196 11.57 11.47 -23.73
CA TYR E 196 12.20 10.17 -23.80
C TYR E 196 11.23 9.31 -24.56
N CYS E 197 11.72 8.36 -25.33
CA CYS E 197 10.87 7.52 -26.16
C CYS E 197 11.24 6.05 -26.11
N VAL E 198 10.37 5.22 -25.54
CA VAL E 198 10.65 3.82 -25.42
C VAL E 198 9.96 3.01 -26.49
N SER E 199 10.62 1.96 -26.94
CA SER E 199 10.15 1.01 -27.98
C SER E 199 10.85 -0.30 -27.61
N ALA E 200 10.35 -1.46 -28.07
CA ALA E 200 10.98 -2.72 -27.69
C ALA E 200 10.55 -3.88 -28.49
N GLU E 201 11.47 -4.81 -28.69
CA GLU E 201 11.19 -6.04 -29.42
C GLU E 201 11.60 -7.28 -28.57
N GLY E 202 10.97 -8.40 -28.85
CA GLY E 202 11.28 -9.60 -28.12
C GLY E 202 12.16 -10.43 -29.04
N VAL E 203 13.11 -11.17 -28.46
CA VAL E 203 14.00 -12.03 -29.22
C VAL E 203 13.64 -13.46 -28.81
N LEU E 204 13.34 -14.29 -29.79
CA LEU E 204 12.97 -15.67 -29.53
C LEU E 204 14.17 -16.60 -29.32
N HIS E 205 13.91 -17.64 -28.52
CA HIS E 205 14.87 -18.69 -28.16
C HIS E 205 15.27 -19.49 -29.44
N VAL E 206 16.29 -20.32 -29.33
CA VAL E 206 16.73 -21.18 -30.44
C VAL E 206 17.01 -20.51 -31.76
N TRP E 207 15.94 -20.06 -32.40
CA TRP E 207 16.01 -19.38 -33.69
C TRP E 207 16.32 -17.87 -33.62
N GLY E 208 15.99 -17.25 -32.48
CA GLY E 208 16.28 -15.82 -32.28
C GLY E 208 15.46 -14.90 -33.18
N VAL E 209 14.19 -15.25 -33.32
CA VAL E 209 13.31 -14.45 -34.14
C VAL E 209 12.82 -13.27 -33.31
N THR E 210 12.95 -12.05 -33.84
CA THR E 210 12.50 -10.88 -33.13
C THR E 210 10.96 -10.78 -33.21
N THR E 211 10.33 -10.20 -32.20
CA THR E 211 8.88 -10.01 -32.23
C THR E 211 8.71 -8.68 -32.96
N GLU E 212 7.48 -8.19 -33.09
CA GLU E 212 7.32 -6.92 -33.77
C GLU E 212 7.77 -5.82 -32.82
N LYS E 213 8.46 -4.80 -33.34
CA LYS E 213 8.92 -3.70 -32.49
C LYS E 213 7.73 -2.76 -32.21
N SER E 214 7.41 -2.55 -30.93
CA SER E 214 6.28 -1.70 -30.58
C SER E 214 6.33 -0.26 -31.05
N LYS E 215 5.16 0.36 -31.24
CA LYS E 215 5.19 1.74 -31.67
C LYS E 215 5.71 2.49 -30.46
N GLU E 216 6.38 3.60 -30.73
CA GLU E 216 7.03 4.35 -29.68
C GLU E 216 6.03 4.86 -28.72
N VAL E 217 6.45 5.03 -27.49
CA VAL E 217 5.57 5.59 -26.49
C VAL E 217 6.42 6.58 -25.78
N CYS E 218 6.30 7.84 -26.14
CA CYS E 218 7.09 8.87 -25.51
C CYS E 218 6.51 9.39 -24.21
N ILE E 219 7.24 10.28 -23.56
CA ILE E 219 6.80 10.87 -22.31
C ILE E 219 7.40 12.29 -22.34
N THR E 220 7.40 13.08 -21.24
CA THR E 220 7.93 14.44 -21.37
C THR E 220 8.74 15.05 -20.26
N ILE E 221 8.97 14.27 -19.21
CA ILE E 221 9.77 14.57 -18.00
C ILE E 221 9.41 15.93 -17.37
#